data_4LSM
#
_entry.id   4LSM
#
_cell.length_a   80.490
_cell.length_b   80.490
_cell.length_c   203.060
_cell.angle_alpha   90.000
_cell.angle_beta   90.000
_cell.angle_gamma   120.000
#
_symmetry.space_group_name_H-M   'P 32 2 1'
#
loop_
_entity.id
_entity.type
_entity.pdbx_description
1 polymer 'Glyceraldehyde 3-phosphate dehydrogenase, cytosolic'
2 non-polymer NICOTINAMIDE-ADENINE-DINUCLEOTIDE
3 non-polymer 1,2-ETHANEDIOL
4 water water
#
_entity_poly.entity_id   1
_entity_poly.type   'polypeptide(L)'
_entity_poly.pdbx_seq_one_letter_code
;MAHHHHHHMTEGKKVTIKIGINGFGRIGRMVFRAAQHRNDIEIVGINDLLDADYMAYMLKYDSTHGRYGGMVEVREGALV
VNGKKIRVTSERDPANLKWNEVGAVVVVESTGLFLTDETARKHIQAGAKKVVMTGPPKDDTPMFVMGVNNTMYKGQEIVS
NASCTTNCLAPLAKIIHEKFGIVEGLMTTVHATTATQKTVDGPSQKDWRGGRGAAQNIIPSATGAAKAVGKVIPALNGRL
TGMAFRVPTPNVSVVDLTARLERPATYEQICAAIKAASEGELKGILGYTEDEVVSTDMNGVALTSVFDVKAGISLNDRFV
KLISWYDNETGYSHKVLDLVAYISAH
;
_entity_poly.pdbx_strand_id   A,B
#
# COMPACT_ATOMS: atom_id res chain seq x y z
N THR A 16 -22.36 1.00 -36.41
CA THR A 16 -21.49 1.19 -35.21
C THR A 16 -21.67 2.57 -34.60
N ILE A 17 -21.36 2.66 -33.31
CA ILE A 17 -21.38 3.92 -32.58
C ILE A 17 -20.11 4.68 -32.89
N LYS A 18 -20.23 5.85 -33.50
CA LYS A 18 -19.07 6.67 -33.82
C LYS A 18 -18.75 7.55 -32.66
N ILE A 19 -17.52 7.48 -32.17
CA ILE A 19 -17.12 8.28 -31.00
C ILE A 19 -15.89 9.15 -31.22
N GLY A 20 -15.78 10.15 -30.37
CA GLY A 20 -14.59 10.99 -30.25
C GLY A 20 -13.95 10.84 -28.88
N ILE A 21 -12.63 11.02 -28.85
CA ILE A 21 -11.89 11.04 -27.59
C ILE A 21 -11.24 12.42 -27.40
N ASN A 22 -11.52 13.05 -26.27
CA ASN A 22 -10.89 14.30 -25.88
C ASN A 22 -9.93 14.04 -24.73
N GLY A 23 -8.63 14.17 -25.01
CA GLY A 23 -7.61 13.84 -24.04
C GLY A 23 -7.06 12.45 -24.30
N PHE A 24 -5.98 12.40 -25.06
CA PHE A 24 -5.39 11.14 -25.54
C PHE A 24 -4.24 10.75 -24.61
N GLY A 25 -4.59 10.56 -23.33
CA GLY A 25 -3.64 10.28 -22.26
C GLY A 25 -3.66 8.81 -21.93
N ARG A 26 -3.38 8.46 -20.67
CA ARG A 26 -3.40 7.05 -20.29
C ARG A 26 -4.76 6.42 -20.56
N ILE A 27 -5.83 7.07 -20.12
CA ILE A 27 -7.17 6.57 -20.32
C ILE A 27 -7.60 6.74 -21.78
N GLY A 28 -7.38 7.92 -22.33
CA GLY A 28 -7.69 8.14 -23.75
C GLY A 28 -7.10 7.10 -24.68
N ARG A 29 -5.82 6.82 -24.49
CA ARG A 29 -5.13 5.82 -25.30
C ARG A 29 -5.53 4.40 -25.00
N MET A 30 -5.84 4.10 -23.74
CA MET A 30 -6.24 2.75 -23.39
C MET A 30 -7.71 2.51 -23.78
N VAL A 31 -8.52 3.58 -23.80
CA VAL A 31 -9.85 3.51 -24.42
C VAL A 31 -9.72 3.23 -25.93
N PHE A 32 -8.82 3.94 -26.59
CA PHE A 32 -8.51 3.70 -27.98
C PHE A 32 -8.15 2.23 -28.21
N ARG A 33 -7.22 1.71 -27.38
CA ARG A 33 -6.81 0.30 -27.52
C ARG A 33 -7.96 -0.68 -27.26
N ALA A 34 -8.80 -0.35 -26.28
CA ALA A 34 -9.96 -1.19 -25.93
C ALA A 34 -10.99 -1.29 -27.05
N ALA A 35 -11.02 -0.27 -27.91
CA ALA A 35 -11.99 -0.22 -29.01
C ALA A 35 -11.62 -1.09 -30.21
N GLN A 36 -10.38 -1.53 -30.30
CA GLN A 36 -9.91 -2.07 -31.55
C GLN A 36 -10.33 -3.52 -31.80
N HIS A 37 -10.82 -4.21 -30.78
CA HIS A 37 -11.43 -5.51 -30.97
C HIS A 37 -12.95 -5.51 -30.79
N ARG A 38 -13.56 -4.34 -30.62
CA ARG A 38 -15.00 -4.21 -30.58
C ARG A 38 -15.51 -3.90 -31.98
N ASN A 39 -16.58 -4.56 -32.40
CA ASN A 39 -17.18 -4.27 -33.71
CA ASN A 39 -17.19 -4.28 -33.71
C ASN A 39 -18.30 -3.23 -33.62
N ASP A 40 -18.65 -2.82 -32.40
CA ASP A 40 -19.79 -1.93 -32.19
C ASP A 40 -19.43 -0.46 -32.01
N ILE A 41 -18.13 -0.18 -31.90
CA ILE A 41 -17.68 1.18 -31.63
C ILE A 41 -16.50 1.52 -32.53
N GLU A 42 -16.55 2.71 -33.13
CA GLU A 42 -15.55 3.21 -34.04
C GLU A 42 -15.09 4.60 -33.58
N ILE A 43 -13.78 4.78 -33.37
CA ILE A 43 -13.20 6.08 -33.05
CA ILE A 43 -13.25 6.10 -33.05
C ILE A 43 -13.04 6.89 -34.33
N VAL A 44 -13.69 8.05 -34.42
CA VAL A 44 -13.63 8.87 -35.65
C VAL A 44 -12.84 10.17 -35.49
N GLY A 45 -12.50 10.53 -34.26
CA GLY A 45 -11.72 11.73 -34.02
C GLY A 45 -11.08 11.76 -32.64
N ILE A 46 -9.87 12.27 -32.58
CA ILE A 46 -9.14 12.40 -31.32
C ILE A 46 -8.64 13.83 -31.17
N ASN A 47 -8.74 14.36 -29.95
CA ASN A 47 -8.26 15.71 -29.67
C ASN A 47 -7.31 15.71 -28.47
N ASP A 48 -6.22 16.46 -28.60
CA ASP A 48 -5.26 16.62 -27.49
C ASP A 48 -4.54 17.94 -27.75
N LEU A 49 -3.28 18.07 -27.34
CA LEU A 49 -2.52 19.29 -27.58
C LEU A 49 -1.28 18.89 -28.34
N LEU A 50 -1.45 18.06 -29.36
CA LEU A 50 -0.33 17.35 -29.95
C LEU A 50 -0.41 17.29 -31.46
N ASP A 51 0.74 17.30 -32.12
CA ASP A 51 0.79 17.06 -33.57
C ASP A 51 0.45 15.60 -33.85
N ALA A 52 -0.14 15.33 -35.02
CA ALA A 52 -0.51 13.99 -35.44
C ALA A 52 0.64 12.99 -35.41
N ASP A 53 1.84 13.39 -35.85
CA ASP A 53 3.00 12.49 -35.82
C ASP A 53 3.34 12.07 -34.39
N TYR A 54 3.26 13.01 -33.45
CA TYR A 54 3.52 12.69 -32.04
C TYR A 54 2.42 11.83 -31.46
N MET A 55 1.17 12.12 -31.81
CA MET A 55 0.05 11.28 -31.38
CA MET A 55 0.05 11.27 -31.38
C MET A 55 0.22 9.82 -31.85
N ALA A 56 0.72 9.64 -33.07
CA ALA A 56 0.99 8.30 -33.60
C ALA A 56 2.05 7.59 -32.78
N TYR A 57 3.10 8.32 -32.41
CA TYR A 57 4.17 7.79 -31.57
C TYR A 57 3.65 7.35 -30.19
N MET A 58 2.78 8.16 -29.61
CA MET A 58 2.24 7.87 -28.28
C MET A 58 1.39 6.60 -28.30
N LEU A 59 0.66 6.39 -29.39
CA LEU A 59 -0.15 5.21 -29.58
C LEU A 59 0.72 3.98 -29.85
N LYS A 60 1.76 4.16 -30.68
CA LYS A 60 2.57 3.03 -31.14
C LYS A 60 3.32 2.34 -30.02
N TYR A 61 3.86 3.13 -29.11
CA TYR A 61 4.76 2.64 -28.07
C TYR A 61 4.21 2.93 -26.68
N ASP A 62 4.23 1.93 -25.80
CA ASP A 62 3.68 2.11 -24.46
C ASP A 62 4.54 1.39 -23.43
N SER A 63 5.01 2.12 -22.42
CA SER A 63 5.92 1.54 -21.43
C SER A 63 5.25 0.44 -20.60
N THR A 64 3.96 0.58 -20.40
CA THR A 64 3.21 -0.34 -19.53
C THR A 64 2.59 -1.50 -20.28
N HIS A 65 2.04 -1.24 -21.46
CA HIS A 65 1.24 -2.21 -22.19
C HIS A 65 1.86 -2.69 -23.52
N GLY A 66 3.08 -2.27 -23.81
CA GLY A 66 3.81 -2.76 -24.97
C GLY A 66 3.40 -2.08 -26.25
N ARG A 67 3.99 -2.54 -27.35
CA ARG A 67 3.73 -1.95 -28.64
C ARG A 67 2.27 -2.21 -29.09
N TYR A 68 1.67 -1.23 -29.73
CA TYR A 68 0.32 -1.37 -30.28
C TYR A 68 0.34 -2.46 -31.34
N GLY A 69 -0.65 -3.34 -31.32
N GLY A 69 -0.66 -3.32 -31.34
CA GLY A 69 -0.70 -4.46 -32.25
CA GLY A 69 -0.71 -4.47 -32.25
C GLY A 69 -1.51 -4.20 -33.52
C GLY A 69 -1.09 -4.19 -33.70
N GLY A 70 -1.49 -2.95 -33.98
CA GLY A 70 -2.05 -2.60 -35.30
C GLY A 70 -1.06 -1.75 -36.08
N MET A 71 -1.37 -1.53 -37.36
CA MET A 71 -0.60 -0.61 -38.21
C MET A 71 -1.05 0.82 -37.89
N VAL A 72 -0.09 1.71 -37.66
CA VAL A 72 -0.37 3.11 -37.37
C VAL A 72 0.42 3.97 -38.34
N GLU A 73 -0.30 4.72 -39.17
CA GLU A 73 0.32 5.60 -40.16
C GLU A 73 -0.23 7.01 -39.98
N VAL A 74 0.55 8.01 -40.40
CA VAL A 74 0.09 9.38 -40.45
C VAL A 74 -0.02 9.74 -41.94
N ARG A 75 -1.16 10.27 -42.34
CA ARG A 75 -1.35 10.70 -43.74
C ARG A 75 -2.24 11.93 -43.75
N GLU A 76 -1.83 12.96 -44.49
CA GLU A 76 -2.53 14.26 -44.52
C GLU A 76 -2.96 14.76 -43.12
N GLY A 77 -2.06 14.63 -42.15
CA GLY A 77 -2.29 15.17 -40.80
C GLY A 77 -3.37 14.50 -39.97
N ALA A 78 -3.86 13.34 -40.43
CA ALA A 78 -4.79 12.51 -39.66
C ALA A 78 -4.08 11.19 -39.34
N LEU A 79 -4.56 10.45 -38.35
CA LEU A 79 -4.06 9.10 -38.15
C LEU A 79 -4.77 8.13 -39.08
N VAL A 80 -4.00 7.20 -39.66
CA VAL A 80 -4.61 6.03 -40.30
C VAL A 80 -4.25 4.82 -39.46
N VAL A 81 -5.26 4.22 -38.86
CA VAL A 81 -5.06 3.07 -37.99
C VAL A 81 -5.85 1.92 -38.59
N ASN A 82 -5.14 0.84 -38.95
CA ASN A 82 -5.76 -0.30 -39.60
C ASN A 82 -6.57 0.15 -40.81
N GLY A 83 -6.00 1.07 -41.59
CA GLY A 83 -6.60 1.55 -42.82
C GLY A 83 -7.82 2.46 -42.71
N LYS A 84 -8.12 2.97 -41.51
CA LYS A 84 -9.26 3.87 -41.31
C LYS A 84 -8.78 5.25 -40.84
N LYS A 85 -9.31 6.31 -41.47
CA LYS A 85 -8.89 7.69 -41.19
C LYS A 85 -9.49 8.22 -39.89
N ILE A 86 -8.65 8.76 -39.03
CA ILE A 86 -9.10 9.37 -37.79
C ILE A 86 -8.64 10.81 -37.70
N ARG A 87 -9.58 11.74 -37.56
CA ARG A 87 -9.24 13.16 -37.47
C ARG A 87 -8.48 13.46 -36.18
N VAL A 88 -7.39 14.22 -36.30
CA VAL A 88 -6.61 14.73 -35.19
C VAL A 88 -6.68 16.23 -35.10
N THR A 89 -7.11 16.76 -33.95
CA THR A 89 -7.20 18.20 -33.71
C THR A 89 -6.45 18.51 -32.42
N SER A 90 -6.21 19.80 -32.21
CA SER A 90 -5.56 20.25 -30.99
C SER A 90 -6.23 21.53 -30.47
N GLU A 91 -7.54 21.45 -30.31
CA GLU A 91 -8.34 22.53 -29.74
C GLU A 91 -8.35 22.46 -28.20
N ARG A 92 -7.71 23.44 -27.57
CA ARG A 92 -7.68 23.56 -26.11
C ARG A 92 -9.09 23.74 -25.52
N ASP A 93 -9.98 24.39 -26.27
CA ASP A 93 -11.36 24.65 -25.87
C ASP A 93 -12.28 23.72 -26.64
N PRO A 94 -12.93 22.78 -25.93
CA PRO A 94 -13.70 21.76 -26.63
C PRO A 94 -14.93 22.28 -27.39
N ALA A 95 -15.39 23.49 -27.07
CA ALA A 95 -16.47 24.10 -27.82
C ALA A 95 -16.14 24.24 -29.32
N ASN A 96 -14.84 24.25 -29.66
CA ASN A 96 -14.38 24.46 -31.05
C ASN A 96 -14.16 23.18 -31.87
N LEU A 97 -14.61 22.04 -31.34
CA LEU A 97 -14.23 20.74 -31.90
C LEU A 97 -15.02 20.22 -33.10
N LYS A 98 -16.18 20.80 -33.41
CA LYS A 98 -16.88 20.42 -34.62
C LYS A 98 -16.99 18.90 -34.73
N TRP A 99 -17.48 18.27 -33.67
CA TRP A 99 -17.69 16.82 -33.70
C TRP A 99 -18.68 16.34 -34.77
N ASN A 100 -19.68 17.16 -35.11
CA ASN A 100 -20.58 16.81 -36.23
C ASN A 100 -19.86 16.52 -37.56
N GLU A 101 -18.72 17.17 -37.79
CA GLU A 101 -18.02 17.03 -39.06
C GLU A 101 -17.39 15.67 -39.27
N VAL A 102 -17.20 14.91 -38.18
CA VAL A 102 -16.75 13.51 -38.27
C VAL A 102 -17.84 12.51 -37.83
N GLY A 103 -19.02 13.02 -37.50
CA GLY A 103 -20.14 12.17 -37.11
C GLY A 103 -19.97 11.54 -35.73
N ALA A 104 -19.21 12.18 -34.85
CA ALA A 104 -19.01 11.65 -33.49
C ALA A 104 -20.25 11.92 -32.66
N VAL A 105 -20.96 10.86 -32.27
CA VAL A 105 -22.23 10.96 -31.53
CA VAL A 105 -22.21 11.03 -31.54
C VAL A 105 -21.98 10.99 -30.02
N VAL A 106 -21.03 10.16 -29.57
CA VAL A 106 -20.63 10.16 -28.16
C VAL A 106 -19.15 10.56 -28.04
N VAL A 107 -18.85 11.39 -27.04
CA VAL A 107 -17.48 11.82 -26.79
C VAL A 107 -17.03 11.29 -25.42
N VAL A 108 -15.89 10.63 -25.41
CA VAL A 108 -15.21 10.25 -24.18
C VAL A 108 -14.34 11.42 -23.75
N GLU A 109 -14.67 11.97 -22.58
CA GLU A 109 -14.04 13.16 -22.07
C GLU A 109 -12.99 12.73 -21.02
N SER A 110 -11.74 12.63 -21.45
CA SER A 110 -10.64 12.07 -20.68
C SER A 110 -9.44 13.00 -20.49
N THR A 111 -9.67 14.31 -20.48
CA THR A 111 -8.59 15.27 -20.21
C THR A 111 -8.33 15.41 -18.72
N GLY A 112 -9.34 15.08 -17.91
CA GLY A 112 -9.31 15.34 -16.47
C GLY A 112 -9.71 16.75 -16.07
N LEU A 113 -10.05 17.59 -17.05
CA LEU A 113 -10.25 19.03 -16.80
C LEU A 113 -11.68 19.47 -16.87
N PHE A 114 -12.56 18.64 -17.43
CA PHE A 114 -13.92 19.07 -17.77
C PHE A 114 -14.94 18.14 -17.12
N LEU A 115 -15.04 18.25 -15.81
CA LEU A 115 -15.79 17.33 -14.96
C LEU A 115 -17.00 18.00 -14.29
N THR A 116 -17.57 18.99 -14.98
CA THR A 116 -18.82 19.62 -14.62
C THR A 116 -19.75 19.65 -15.85
N ASP A 117 -21.05 19.85 -15.62
CA ASP A 117 -22.00 19.90 -16.72
C ASP A 117 -21.61 20.97 -17.74
N GLU A 118 -21.31 22.16 -17.26
CA GLU A 118 -21.01 23.31 -18.11
C GLU A 118 -19.76 23.07 -18.96
N THR A 119 -18.71 22.46 -18.40
CA THR A 119 -17.50 22.20 -19.18
C THR A 119 -17.70 21.04 -20.16
N ALA A 120 -18.26 19.94 -19.68
CA ALA A 120 -18.52 18.78 -20.55
C ALA A 120 -19.49 19.11 -21.67
N ARG A 121 -20.46 19.98 -21.40
CA ARG A 121 -21.50 20.33 -22.35
C ARG A 121 -20.94 21.08 -23.55
N LYS A 122 -19.71 21.59 -23.45
CA LYS A 122 -19.03 22.21 -24.61
C LYS A 122 -18.95 21.25 -25.80
N HIS A 123 -18.82 19.95 -25.53
CA HIS A 123 -18.85 18.93 -26.60
C HIS A 123 -20.18 18.84 -27.33
N ILE A 124 -21.27 19.07 -26.60
CA ILE A 124 -22.61 19.08 -27.19
CA ILE A 124 -22.60 19.07 -27.21
C ILE A 124 -22.77 20.36 -28.03
N GLN A 125 -22.27 21.48 -27.51
CA GLN A 125 -22.23 22.72 -28.31
C GLN A 125 -21.43 22.51 -29.60
N ALA A 126 -20.40 21.67 -29.50
CA ALA A 126 -19.54 21.35 -30.63
C ALA A 126 -20.12 20.27 -31.56
N GLY A 127 -21.34 19.81 -31.27
CA GLY A 127 -22.05 18.94 -32.20
C GLY A 127 -22.19 17.47 -31.81
N ALA A 128 -21.59 17.06 -30.69
CA ALA A 128 -21.84 15.69 -30.17
C ALA A 128 -23.20 15.63 -29.51
N LYS A 129 -23.69 14.41 -29.28
CA LYS A 129 -25.02 14.17 -28.68
C LYS A 129 -24.94 13.76 -27.20
N LYS A 130 -23.91 13.01 -26.84
CA LYS A 130 -23.74 12.55 -25.46
C LYS A 130 -22.26 12.56 -25.07
N VAL A 131 -21.99 12.67 -23.76
CA VAL A 131 -20.61 12.72 -23.24
C VAL A 131 -20.47 11.76 -22.06
N VAL A 132 -19.36 11.02 -22.03
CA VAL A 132 -18.97 10.20 -20.88
C VAL A 132 -17.69 10.77 -20.31
N MET A 133 -17.79 11.35 -19.11
CA MET A 133 -16.62 11.82 -18.38
C MET A 133 -15.88 10.62 -17.84
N THR A 134 -14.55 10.62 -17.93
CA THR A 134 -13.76 9.50 -17.39
C THR A 134 -13.21 9.77 -15.99
N GLY A 135 -13.96 10.46 -15.18
CA GLY A 135 -13.63 10.59 -13.77
C GLY A 135 -14.89 10.99 -13.04
N PRO A 136 -14.84 11.01 -11.71
CA PRO A 136 -15.98 11.49 -10.92
C PRO A 136 -16.22 12.96 -11.20
N PRO A 137 -17.49 13.37 -11.24
CA PRO A 137 -17.80 14.76 -11.52
C PRO A 137 -17.54 15.64 -10.32
N LYS A 138 -17.36 16.93 -10.58
CA LYS A 138 -17.22 17.90 -9.52
C LYS A 138 -18.58 18.46 -9.13
N ASP A 139 -19.62 18.09 -9.88
CA ASP A 139 -20.99 18.49 -9.57
C ASP A 139 -21.88 17.24 -9.41
N ASP A 140 -23.17 17.34 -9.66
CA ASP A 140 -24.07 16.21 -9.49
C ASP A 140 -24.41 15.49 -10.81
N THR A 141 -23.51 15.58 -11.80
CA THR A 141 -23.63 14.76 -13.01
C THR A 141 -23.74 13.29 -12.55
N PRO A 142 -24.66 12.51 -13.14
CA PRO A 142 -24.84 11.16 -12.64
C PRO A 142 -23.66 10.23 -12.98
N MET A 143 -23.25 9.41 -12.01
CA MET A 143 -22.22 8.40 -12.19
C MET A 143 -22.85 7.03 -12.40
N PHE A 144 -22.22 6.24 -13.26
CA PHE A 144 -22.64 4.87 -13.50
C PHE A 144 -21.44 3.94 -13.43
N VAL A 145 -21.66 2.78 -12.83
CA VAL A 145 -20.70 1.69 -12.80
C VAL A 145 -21.36 0.47 -13.43
N MET A 146 -20.75 -0.05 -14.47
CA MET A 146 -21.27 -1.23 -15.16
C MET A 146 -21.39 -2.41 -14.20
N GLY A 147 -22.53 -3.09 -14.26
CA GLY A 147 -22.83 -4.24 -13.37
C GLY A 147 -23.48 -3.84 -12.07
N VAL A 148 -23.46 -2.53 -11.77
CA VAL A 148 -23.94 -2.04 -10.49
C VAL A 148 -25.19 -1.17 -10.65
N ASN A 149 -25.07 0.00 -11.30
CA ASN A 149 -26.26 0.85 -11.48
C ASN A 149 -26.48 1.38 -12.90
N ASN A 150 -25.82 0.82 -13.89
CA ASN A 150 -25.98 1.34 -15.23
C ASN A 150 -27.43 1.21 -15.72
N THR A 151 -28.17 0.22 -15.21
CA THR A 151 -29.57 0.06 -15.63
C THR A 151 -30.46 1.19 -15.14
N MET A 152 -29.95 2.02 -14.24
CA MET A 152 -30.68 3.20 -13.75
CA MET A 152 -30.68 3.19 -13.76
C MET A 152 -30.61 4.35 -14.74
N TYR A 153 -29.80 4.20 -15.79
CA TYR A 153 -29.67 5.25 -16.82
C TYR A 153 -31.04 5.63 -17.39
N LYS A 154 -31.27 6.93 -17.57
CA LYS A 154 -32.56 7.48 -18.01
C LYS A 154 -32.46 8.37 -19.27
N GLY A 155 -31.42 8.19 -20.07
CA GLY A 155 -31.27 8.90 -21.34
C GLY A 155 -30.48 10.20 -21.26
N GLN A 156 -29.88 10.46 -20.09
CA GLN A 156 -29.13 11.70 -19.87
C GLN A 156 -28.00 11.91 -20.90
N GLU A 157 -27.82 13.16 -21.31
CA GLU A 157 -26.79 13.52 -22.28
C GLU A 157 -25.37 13.40 -21.75
N ILE A 158 -25.20 13.74 -20.48
CA ILE A 158 -23.87 13.83 -19.86
C ILE A 158 -23.85 12.92 -18.65
N VAL A 159 -22.91 11.99 -18.65
CA VAL A 159 -22.75 11.03 -17.56
C VAL A 159 -21.28 10.88 -17.22
N SER A 160 -20.99 10.21 -16.11
CA SER A 160 -19.64 9.87 -15.70
C SER A 160 -19.55 8.39 -15.44
N ASN A 161 -18.39 7.82 -15.78
CA ASN A 161 -18.09 6.42 -15.47
C ASN A 161 -17.40 6.23 -14.11
N ALA A 162 -17.47 7.26 -13.27
CA ALA A 162 -16.92 7.22 -11.91
C ALA A 162 -15.38 7.13 -12.01
N SER A 163 -14.73 6.60 -10.98
CA SER A 163 -13.29 6.41 -10.95
C SER A 163 -12.91 4.94 -11.09
N CYS A 164 -11.64 4.70 -11.36
CA CYS A 164 -11.09 3.34 -11.31
C CYS A 164 -11.39 2.66 -9.97
N THR A 165 -11.13 3.37 -8.88
CA THR A 165 -11.32 2.80 -7.57
C THR A 165 -12.80 2.45 -7.29
N THR A 166 -13.72 3.34 -7.67
CA THR A 166 -15.13 3.05 -7.45
C THR A 166 -15.56 1.83 -8.31
N ASN A 167 -14.99 1.71 -9.51
CA ASN A 167 -15.29 0.56 -10.33
C ASN A 167 -14.77 -0.77 -9.76
N CYS A 168 -13.75 -0.71 -8.91
CA CYS A 168 -13.26 -1.89 -8.21
C CYS A 168 -14.12 -2.20 -6.98
N LEU A 169 -14.37 -1.20 -6.16
CA LEU A 169 -15.07 -1.40 -4.89
C LEU A 169 -16.55 -1.67 -5.09
N ALA A 170 -17.23 -0.96 -6.02
CA ALA A 170 -18.68 -1.10 -6.12
C ALA A 170 -19.18 -2.52 -6.44
N PRO A 171 -18.58 -3.20 -7.44
CA PRO A 171 -19.03 -4.58 -7.71
C PRO A 171 -18.82 -5.50 -6.50
N LEU A 172 -17.69 -5.34 -5.80
CA LEU A 172 -17.43 -6.15 -4.60
C LEU A 172 -18.45 -5.86 -3.49
N ALA A 173 -18.65 -4.58 -3.20
CA ALA A 173 -19.59 -4.14 -2.18
C ALA A 173 -21.01 -4.59 -2.50
N LYS A 174 -21.38 -4.55 -3.78
CA LYS A 174 -22.70 -5.01 -4.19
C LYS A 174 -22.95 -6.45 -3.77
N ILE A 175 -21.99 -7.32 -4.06
CA ILE A 175 -22.15 -8.74 -3.73
C ILE A 175 -22.21 -8.93 -2.23
N ILE A 176 -21.29 -8.31 -1.52
CA ILE A 176 -21.25 -8.49 -0.06
C ILE A 176 -22.52 -7.92 0.59
N HIS A 177 -22.95 -6.75 0.16
CA HIS A 177 -24.15 -6.16 0.76
C HIS A 177 -25.40 -6.97 0.45
N GLU A 178 -25.53 -7.40 -0.81
CA GLU A 178 -26.72 -8.16 -1.20
C GLU A 178 -26.81 -9.51 -0.48
N LYS A 179 -25.67 -10.17 -0.29
CA LYS A 179 -25.67 -11.50 0.33
CA LYS A 179 -25.67 -11.51 0.33
C LYS A 179 -25.66 -11.50 1.86
N PHE A 180 -24.85 -10.64 2.47
CA PHE A 180 -24.62 -10.65 3.90
C PHE A 180 -25.04 -9.37 4.60
N GLY A 181 -25.02 -8.24 3.87
CA GLY A 181 -25.29 -6.94 4.41
C GLY A 181 -24.04 -6.29 5.00
N ILE A 182 -23.77 -5.04 4.60
CA ILE A 182 -22.67 -4.27 5.15
C ILE A 182 -23.26 -3.26 6.12
N VAL A 183 -22.91 -3.40 7.39
CA VAL A 183 -23.24 -2.41 8.42
C VAL A 183 -22.45 -1.12 8.15
N GLU A 184 -21.16 -1.28 7.99
CA GLU A 184 -20.23 -0.19 7.82
C GLU A 184 -18.94 -0.78 7.24
N GLY A 185 -18.25 0.01 6.45
CA GLY A 185 -16.99 -0.41 5.88
C GLY A 185 -16.02 0.74 5.71
N LEU A 186 -14.74 0.42 5.82
CA LEU A 186 -13.69 1.39 5.57
C LEU A 186 -12.72 0.81 4.56
N MET A 187 -12.34 1.61 3.56
CA MET A 187 -11.54 1.16 2.44
C MET A 187 -10.21 1.87 2.42
N THR A 188 -9.15 1.11 2.13
CA THR A 188 -7.89 1.69 1.67
C THR A 188 -7.63 1.19 0.28
N THR A 189 -7.20 2.06 -0.62
CA THR A 189 -6.66 1.56 -1.88
C THR A 189 -5.17 1.85 -1.94
N VAL A 190 -4.40 0.83 -2.31
CA VAL A 190 -2.97 0.99 -2.56
C VAL A 190 -2.85 1.12 -4.09
N HIS A 191 -2.48 2.30 -4.53
CA HIS A 191 -2.70 2.67 -5.93
C HIS A 191 -1.39 2.99 -6.64
N ALA A 192 -1.32 2.54 -7.87
CA ALA A 192 -0.19 2.86 -8.74
C ALA A 192 -0.02 4.36 -8.91
N THR A 193 1.22 4.76 -9.20
CA THR A 193 1.52 6.14 -9.63
C THR A 193 0.70 6.53 -10.85
N THR A 194 0.26 7.78 -10.93
CA THR A 194 -0.44 8.29 -12.11
C THR A 194 0.19 9.60 -12.60
N ALA A 195 -0.35 10.12 -13.70
CA ALA A 195 0.20 11.30 -14.40
C ALA A 195 0.12 12.58 -13.55
N THR A 196 -0.75 12.62 -12.54
CA THR A 196 -0.83 13.82 -11.70
C THR A 196 0.37 14.00 -10.77
N GLN A 197 1.13 12.93 -10.59
CA GLN A 197 2.25 12.92 -9.66
C GLN A 197 3.54 13.47 -10.30
N LYS A 198 4.58 13.57 -9.48
CA LYS A 198 5.85 14.19 -9.86
C LYS A 198 7.04 13.24 -9.74
N THR A 199 7.98 13.35 -10.67
CA THR A 199 9.14 12.45 -10.67
C THR A 199 10.09 12.68 -9.50
N VAL A 200 10.27 13.95 -9.12
CA VAL A 200 11.07 14.39 -7.97
C VAL A 200 10.20 15.44 -7.27
N ASP A 201 10.49 15.73 -6.00
CA ASP A 201 9.64 16.66 -5.21
C ASP A 201 9.40 17.94 -6.02
N GLY A 202 8.14 18.23 -6.33
CA GLY A 202 7.78 19.40 -7.12
C GLY A 202 6.45 20.00 -6.69
N PRO A 203 6.00 21.05 -7.40
CA PRO A 203 4.86 21.81 -6.89
C PRO A 203 3.50 21.16 -7.17
N SER A 204 2.71 21.04 -6.11
CA SER A 204 1.38 20.53 -6.13
C SER A 204 0.56 21.28 -5.08
N GLN A 205 0.23 22.52 -5.40
CA GLN A 205 -0.28 23.48 -4.44
C GLN A 205 -1.61 23.05 -3.78
N LYS A 206 -2.43 22.30 -4.51
CA LYS A 206 -3.71 21.79 -3.98
C LYS A 206 -3.63 20.40 -3.34
N ASP A 207 -2.44 19.79 -3.34
CA ASP A 207 -2.25 18.41 -2.88
C ASP A 207 -0.78 18.23 -2.56
N TRP A 208 -0.39 18.73 -1.38
CA TRP A 208 1.02 18.82 -1.01
C TRP A 208 1.73 17.46 -1.04
N ARG A 209 1.12 16.42 -0.49
CA ARG A 209 1.80 15.14 -0.48
C ARG A 209 2.02 14.65 -1.91
N GLY A 210 1.06 14.92 -2.79
CA GLY A 210 1.11 14.44 -4.16
C GLY A 210 2.18 15.08 -5.04
N GLY A 211 2.82 16.12 -4.53
CA GLY A 211 3.98 16.72 -5.22
C GLY A 211 5.27 16.00 -4.95
N ARG A 212 5.31 15.17 -3.90
CA ARG A 212 6.55 14.54 -3.47
C ARG A 212 6.94 13.42 -4.45
N GLY A 213 8.24 13.17 -4.60
CA GLY A 213 8.74 12.26 -5.66
C GLY A 213 8.06 10.91 -5.60
N ALA A 214 7.43 10.50 -6.71
CA ALA A 214 6.53 9.32 -6.71
C ALA A 214 7.32 8.05 -6.49
N ALA A 215 8.48 7.93 -7.15
CA ALA A 215 9.21 6.67 -7.07
C ALA A 215 9.93 6.48 -5.75
N GLN A 216 10.05 7.54 -4.95
CA GLN A 216 10.75 7.48 -3.67
C GLN A 216 9.87 7.15 -2.46
N ASN A 217 8.56 7.28 -2.62
CA ASN A 217 7.64 7.42 -1.47
C ASN A 217 6.39 6.58 -1.49
N ILE A 218 5.94 6.20 -0.29
CA ILE A 218 4.55 5.88 -0.05
C ILE A 218 3.86 7.21 0.30
N ILE A 219 2.81 7.55 -0.46
CA ILE A 219 2.15 8.85 -0.39
C ILE A 219 0.66 8.73 -0.08
N PRO A 220 0.26 9.06 1.17
CA PRO A 220 -1.16 9.10 1.50
C PRO A 220 -1.91 10.09 0.63
N SER A 221 -3.16 9.80 0.33
CA SER A 221 -3.96 10.62 -0.55
C SER A 221 -5.42 10.48 -0.20
N ALA A 222 -6.17 11.57 -0.27
CA ALA A 222 -7.63 11.51 -0.11
C ALA A 222 -8.24 10.86 -1.32
N THR A 223 -9.37 10.19 -1.12
CA THR A 223 -10.17 9.71 -2.24
C THR A 223 -11.63 9.65 -1.83
N GLY A 224 -12.49 10.04 -2.75
CA GLY A 224 -13.94 10.01 -2.53
C GLY A 224 -14.59 8.74 -3.05
N ALA A 225 -13.78 7.77 -3.45
CA ALA A 225 -14.31 6.60 -4.15
C ALA A 225 -15.21 5.74 -3.29
N ALA A 226 -14.90 5.63 -2.00
CA ALA A 226 -15.71 4.76 -1.15
C ALA A 226 -17.04 5.42 -0.89
N LYS A 227 -17.02 6.73 -0.62
CA LYS A 227 -18.26 7.47 -0.44
C LYS A 227 -19.13 7.44 -1.71
N ALA A 228 -18.49 7.50 -2.88
CA ALA A 228 -19.18 7.42 -4.18
C ALA A 228 -19.92 6.10 -4.38
N VAL A 229 -19.47 5.02 -3.74
CA VAL A 229 -20.19 3.75 -3.84
C VAL A 229 -21.61 3.92 -3.30
N GLY A 230 -21.76 4.80 -2.32
CA GLY A 230 -23.08 5.13 -1.76
C GLY A 230 -24.02 5.85 -2.70
N LYS A 231 -23.49 6.46 -3.75
CA LYS A 231 -24.30 7.04 -4.80
C LYS A 231 -24.75 6.00 -5.83
N VAL A 232 -23.86 5.07 -6.18
CA VAL A 232 -24.22 4.03 -7.16
C VAL A 232 -24.94 2.85 -6.51
N ILE A 233 -24.81 2.69 -5.19
CA ILE A 233 -25.57 1.71 -4.41
C ILE A 233 -26.21 2.48 -3.24
N PRO A 234 -27.40 3.07 -3.46
CA PRO A 234 -27.98 3.93 -2.45
C PRO A 234 -28.12 3.33 -1.04
N ALA A 235 -28.33 2.01 -0.93
CA ALA A 235 -28.43 1.37 0.38
C ALA A 235 -27.16 1.53 1.21
N LEU A 236 -26.03 1.81 0.55
CA LEU A 236 -24.74 2.01 1.22
C LEU A 236 -24.39 3.45 1.50
N ASN A 237 -25.33 4.35 1.19
CA ASN A 237 -25.12 5.75 1.51
C ASN A 237 -24.82 5.93 2.98
N GLY A 238 -23.71 6.62 3.26
CA GLY A 238 -23.31 6.85 4.63
C GLY A 238 -22.63 5.68 5.34
N ARG A 239 -22.45 4.56 4.65
CA ARG A 239 -21.91 3.34 5.27
CA ARG A 239 -21.90 3.35 5.27
C ARG A 239 -20.45 3.04 4.91
N LEU A 240 -19.88 3.82 3.98
CA LEU A 240 -18.50 3.56 3.51
C LEU A 240 -17.74 4.87 3.39
N THR A 241 -16.47 4.84 3.83
CA THR A 241 -15.52 5.86 3.39
C THR A 241 -14.12 5.24 3.34
N GLY A 242 -13.10 6.04 3.08
CA GLY A 242 -11.76 5.48 2.92
C GLY A 242 -10.72 6.48 2.53
N MET A 243 -9.54 5.99 2.17
CA MET A 243 -8.40 6.81 1.78
C MET A 243 -7.48 5.97 0.90
N ALA A 244 -6.38 6.57 0.44
CA ALA A 244 -5.47 5.91 -0.50
C ALA A 244 -4.01 6.06 -0.09
N PHE A 245 -3.19 5.11 -0.55
CA PHE A 245 -1.73 5.27 -0.54
C PHE A 245 -1.27 5.12 -1.97
N ARG A 246 -0.56 6.13 -2.48
CA ARG A 246 0.12 6.04 -3.77
CA ARG A 246 0.12 6.02 -3.76
C ARG A 246 1.54 5.46 -3.57
N VAL A 247 1.87 4.46 -4.40
CA VAL A 247 3.15 3.75 -4.28
C VAL A 247 3.88 3.69 -5.63
N PRO A 248 5.19 3.37 -5.61
CA PRO A 248 6.04 3.40 -6.82
C PRO A 248 5.89 2.21 -7.75
N THR A 249 4.69 1.99 -8.27
CA THR A 249 4.47 1.11 -9.41
C THR A 249 3.78 1.88 -10.53
N PRO A 250 3.92 1.42 -11.78
CA PRO A 250 3.42 2.24 -12.93
C PRO A 250 1.95 2.03 -13.26
N ASN A 251 1.39 0.91 -12.81
CA ASN A 251 0.02 0.55 -13.11
C ASN A 251 -0.38 -0.67 -12.23
N VAL A 252 -1.69 -0.81 -12.07
CA VAL A 252 -2.38 -1.83 -11.26
C VAL A 252 -2.43 -1.38 -9.79
N SER A 253 -3.64 -1.46 -9.23
CA SER A 253 -3.92 -1.01 -7.89
C SER A 253 -4.75 -2.06 -7.17
N VAL A 254 -4.99 -1.83 -5.88
CA VAL A 254 -5.73 -2.80 -5.09
C VAL A 254 -6.60 -2.13 -4.02
N VAL A 255 -7.81 -2.66 -3.85
CA VAL A 255 -8.74 -2.26 -2.81
C VAL A 255 -8.64 -3.23 -1.64
N ASP A 256 -8.65 -2.66 -0.44
CA ASP A 256 -8.65 -3.36 0.85
C ASP A 256 -9.87 -2.82 1.58
N LEU A 257 -10.92 -3.64 1.61
CA LEU A 257 -12.18 -3.26 2.25
C LEU A 257 -12.33 -4.01 3.55
N THR A 258 -12.46 -3.24 4.63
CA THR A 258 -12.67 -3.82 5.96
C THR A 258 -14.12 -3.57 6.31
N ALA A 259 -14.90 -4.64 6.45
CA ALA A 259 -16.35 -4.52 6.58
C ALA A 259 -16.89 -5.26 7.79
N ARG A 260 -17.85 -4.61 8.44
CA ARG A 260 -18.67 -5.24 9.48
C ARG A 260 -19.97 -5.72 8.82
N LEU A 261 -20.32 -7.00 9.03
CA LEU A 261 -21.44 -7.63 8.32
C LEU A 261 -22.72 -7.67 9.15
N GLU A 262 -23.87 -7.67 8.47
CA GLU A 262 -25.17 -7.72 9.16
C GLU A 262 -25.50 -9.12 9.68
N ARG A 263 -24.97 -10.13 9.04
CA ARG A 263 -25.15 -11.49 9.50
C ARG A 263 -23.85 -12.27 9.37
N PRO A 264 -23.68 -13.33 10.17
CA PRO A 264 -22.43 -14.05 10.15
C PRO A 264 -22.18 -14.80 8.85
N ALA A 265 -20.92 -14.79 8.42
CA ALA A 265 -20.50 -15.54 7.26
C ALA A 265 -19.04 -15.95 7.47
N THR A 266 -18.72 -17.20 7.17
CA THR A 266 -17.32 -17.62 7.19
C THR A 266 -16.61 -17.02 6.00
N TYR A 267 -15.29 -16.98 6.07
CA TYR A 267 -14.49 -16.52 4.93
C TYR A 267 -14.80 -17.37 3.67
N GLU A 268 -14.97 -18.68 3.84
CA GLU A 268 -15.29 -19.56 2.73
C GLU A 268 -16.66 -19.22 2.10
N GLN A 269 -17.65 -18.88 2.94
CA GLN A 269 -18.95 -18.52 2.43
C GLN A 269 -18.89 -17.21 1.65
N ILE A 270 -18.09 -16.28 2.14
CA ILE A 270 -17.90 -15.02 1.42
C ILE A 270 -17.28 -15.27 0.05
N CYS A 271 -16.22 -16.06 0.03
CA CYS A 271 -15.57 -16.38 -1.23
C CYS A 271 -16.50 -17.07 -2.22
N ALA A 272 -17.33 -17.98 -1.73
CA ALA A 272 -18.27 -18.69 -2.59
C ALA A 272 -19.29 -17.74 -3.20
N ALA A 273 -19.70 -16.74 -2.42
CA ALA A 273 -20.66 -15.77 -2.95
C ALA A 273 -20.02 -14.92 -4.05
N ILE A 274 -18.77 -14.55 -3.85
CA ILE A 274 -18.05 -13.76 -4.87
C ILE A 274 -17.81 -14.62 -6.13
N LYS A 275 -17.42 -15.88 -5.95
CA LYS A 275 -17.23 -16.76 -7.09
CA LYS A 275 -17.23 -16.78 -7.08
C LYS A 275 -18.52 -16.89 -7.89
N ALA A 276 -19.64 -17.09 -7.21
CA ALA A 276 -20.92 -17.22 -7.89
C ALA A 276 -21.27 -15.97 -8.68
N ALA A 277 -21.09 -14.80 -8.08
CA ALA A 277 -21.34 -13.56 -8.81
C ALA A 277 -20.43 -13.38 -10.03
N SER A 278 -19.16 -13.81 -9.90
CA SER A 278 -18.18 -13.69 -10.96
C SER A 278 -18.53 -14.56 -12.17
N GLU A 279 -19.27 -15.63 -11.93
CA GLU A 279 -19.66 -16.59 -12.98
C GLU A 279 -21.04 -16.26 -13.56
N GLY A 280 -21.80 -15.43 -12.85
CA GLY A 280 -23.16 -15.12 -13.24
C GLY A 280 -23.32 -13.66 -13.58
N GLU A 281 -24.06 -12.95 -12.75
CA GLU A 281 -24.42 -11.56 -12.97
C GLU A 281 -23.25 -10.62 -13.31
N LEU A 282 -22.13 -10.79 -12.62
CA LEU A 282 -20.98 -9.90 -12.85
C LEU A 282 -19.87 -10.52 -13.70
N LYS A 283 -20.23 -11.52 -14.52
CA LYS A 283 -19.25 -12.14 -15.40
C LYS A 283 -18.66 -11.06 -16.30
N GLY A 284 -17.34 -11.06 -16.40
CA GLY A 284 -16.61 -10.09 -17.20
C GLY A 284 -16.41 -8.75 -16.53
N ILE A 285 -16.94 -8.57 -15.32
CA ILE A 285 -16.80 -7.32 -14.55
C ILE A 285 -15.99 -7.59 -13.30
N LEU A 286 -16.51 -8.47 -12.45
CA LEU A 286 -15.84 -8.93 -11.23
C LEU A 286 -15.26 -10.29 -11.52
N GLY A 287 -13.96 -10.46 -11.27
CA GLY A 287 -13.31 -11.77 -11.37
C GLY A 287 -12.86 -12.30 -10.02
N TYR A 288 -12.17 -13.44 -10.06
CA TYR A 288 -11.92 -14.25 -8.89
C TYR A 288 -10.62 -15.03 -9.13
N THR A 289 -9.72 -15.02 -8.17
CA THR A 289 -8.55 -15.88 -8.24
C THR A 289 -8.25 -16.48 -6.88
N GLU A 290 -7.74 -17.71 -6.91
CA GLU A 290 -7.16 -18.39 -5.73
C GLU A 290 -5.64 -18.56 -5.83
N ASP A 291 -5.02 -17.93 -6.83
CA ASP A 291 -3.58 -18.07 -7.04
C ASP A 291 -2.76 -17.03 -6.24
N GLU A 292 -1.44 -17.26 -6.14
CA GLU A 292 -0.54 -16.44 -5.35
C GLU A 292 -0.08 -15.24 -6.21
N VAL A 293 -1.03 -14.39 -6.55
CA VAL A 293 -0.80 -13.33 -7.54
C VAL A 293 -0.13 -12.12 -6.92
N VAL A 294 0.54 -11.33 -7.77
CA VAL A 294 1.03 -10.02 -7.41
C VAL A 294 0.53 -9.02 -8.47
N SER A 295 0.78 -7.73 -8.27
CA SER A 295 0.12 -6.71 -9.10
C SER A 295 0.35 -6.89 -10.60
N THR A 296 1.58 -7.21 -11.00
CA THR A 296 1.88 -7.34 -12.44
C THR A 296 1.05 -8.42 -13.11
N ASP A 297 0.59 -9.40 -12.33
CA ASP A 297 -0.26 -10.43 -12.92
C ASP A 297 -1.61 -9.92 -13.42
N MET A 298 -2.02 -8.74 -12.97
CA MET A 298 -3.28 -8.12 -13.39
C MET A 298 -3.07 -7.05 -14.48
N ASN A 299 -1.82 -6.82 -14.88
CA ASN A 299 -1.56 -5.82 -15.91
C ASN A 299 -2.13 -6.30 -17.25
N GLY A 300 -3.06 -5.53 -17.78
CA GLY A 300 -3.77 -5.89 -19.01
C GLY A 300 -5.10 -6.61 -18.81
N VAL A 301 -5.46 -6.87 -17.57
CA VAL A 301 -6.77 -7.50 -17.26
C VAL A 301 -7.90 -6.49 -17.37
N ALA A 302 -8.93 -6.83 -18.14
CA ALA A 302 -10.03 -5.91 -18.45
C ALA A 302 -11.19 -5.91 -17.45
N LEU A 303 -11.14 -6.82 -16.49
CA LEU A 303 -12.09 -6.80 -15.36
C LEU A 303 -11.90 -5.52 -14.54
N THR A 304 -12.96 -5.01 -13.92
CA THR A 304 -12.82 -3.85 -13.05
C THR A 304 -12.53 -4.20 -11.60
N SER A 305 -12.67 -5.47 -11.24
CA SER A 305 -12.47 -5.92 -9.85
C SER A 305 -12.05 -7.38 -9.91
N VAL A 306 -10.90 -7.72 -9.31
CA VAL A 306 -10.43 -9.10 -9.30
C VAL A 306 -10.19 -9.54 -7.85
N PHE A 307 -11.12 -10.30 -7.32
CA PHE A 307 -11.07 -10.73 -5.94
C PHE A 307 -9.96 -11.74 -5.69
N ASP A 308 -9.19 -11.51 -4.64
CA ASP A 308 -7.99 -12.26 -4.31
C ASP A 308 -8.31 -13.11 -3.05
N VAL A 309 -8.61 -14.38 -3.25
CA VAL A 309 -9.03 -15.25 -2.15
C VAL A 309 -7.98 -15.35 -1.04
N LYS A 310 -6.74 -15.61 -1.42
CA LYS A 310 -5.71 -15.90 -0.43
C LYS A 310 -5.15 -14.70 0.28
N ALA A 311 -5.40 -13.47 -0.20
CA ALA A 311 -4.82 -12.28 0.40
C ALA A 311 -5.59 -11.74 1.61
N GLY A 312 -6.91 -11.92 1.61
CA GLY A 312 -7.77 -11.36 2.66
C GLY A 312 -7.85 -12.23 3.90
N ILE A 313 -8.58 -11.76 4.89
CA ILE A 313 -8.63 -12.46 6.16
C ILE A 313 -9.88 -12.06 6.94
N SER A 314 -10.51 -13.02 7.59
CA SER A 314 -11.59 -12.75 8.54
C SER A 314 -11.02 -12.73 9.97
N LEU A 315 -11.40 -11.73 10.77
CA LEU A 315 -11.14 -11.81 12.21
C LEU A 315 -12.17 -12.73 12.85
N ASN A 316 -13.43 -12.56 12.46
CA ASN A 316 -14.54 -13.39 12.97
C ASN A 316 -15.68 -13.40 11.94
N ASP A 317 -16.81 -14.02 12.23
CA ASP A 317 -17.85 -14.24 11.22
C ASP A 317 -18.58 -12.94 10.81
N ARG A 318 -18.31 -11.81 11.47
CA ARG A 318 -18.93 -10.54 11.10
C ARG A 318 -17.94 -9.40 10.85
N PHE A 319 -16.64 -9.69 10.72
CA PHE A 319 -15.65 -8.64 10.53
C PHE A 319 -14.54 -9.20 9.66
N VAL A 320 -14.42 -8.66 8.45
CA VAL A 320 -13.60 -9.25 7.38
C VAL A 320 -12.84 -8.19 6.58
N LYS A 321 -11.65 -8.56 6.11
CA LYS A 321 -10.85 -7.73 5.19
C LYS A 321 -10.78 -8.43 3.86
N LEU A 322 -11.29 -7.75 2.84
CA LEU A 322 -11.45 -8.28 1.51
C LEU A 322 -10.56 -7.48 0.55
N ILE A 323 -9.82 -8.22 -0.27
CA ILE A 323 -8.82 -7.66 -1.19
C ILE A 323 -9.21 -7.89 -2.62
N SER A 324 -9.20 -6.81 -3.42
CA SER A 324 -9.57 -6.93 -4.82
C SER A 324 -8.70 -6.03 -5.70
N TRP A 325 -8.11 -6.63 -6.72
CA TRP A 325 -7.22 -5.92 -7.63
C TRP A 325 -7.98 -5.18 -8.72
N TYR A 326 -7.30 -4.18 -9.31
CA TYR A 326 -7.79 -3.57 -10.55
C TYR A 326 -6.67 -2.97 -11.35
N ASP A 327 -6.64 -3.30 -12.64
CA ASP A 327 -5.79 -2.57 -13.58
C ASP A 327 -6.55 -1.26 -13.84
N ASN A 328 -6.08 -0.21 -13.17
CA ASN A 328 -6.71 1.11 -13.20
C ASN A 328 -6.77 1.72 -14.58
N GLU A 329 -5.83 1.37 -15.46
CA GLU A 329 -5.87 1.80 -16.85
C GLU A 329 -6.83 0.95 -17.73
N THR A 330 -6.64 -0.36 -17.73
CA THR A 330 -7.30 -1.25 -18.68
C THR A 330 -8.75 -1.51 -18.32
N GLY A 331 -9.01 -1.93 -17.08
CA GLY A 331 -10.39 -2.29 -16.67
C GLY A 331 -11.33 -1.11 -16.89
N TYR A 332 -10.94 0.02 -16.33
CA TYR A 332 -11.75 1.22 -16.39
C TYR A 332 -12.03 1.59 -17.85
N SER A 333 -10.99 1.54 -18.68
CA SER A 333 -11.15 1.90 -20.12
C SER A 333 -12.12 1.00 -20.90
N HIS A 334 -12.05 -0.30 -20.64
CA HIS A 334 -13.01 -1.22 -21.25
C HIS A 334 -14.45 -0.87 -20.83
N LYS A 335 -14.62 -0.54 -19.55
CA LYS A 335 -15.95 -0.23 -19.05
C LYS A 335 -16.45 1.10 -19.52
N VAL A 336 -15.54 2.04 -19.84
CA VAL A 336 -15.99 3.28 -20.50
C VAL A 336 -16.72 2.92 -21.80
N LEU A 337 -16.13 2.03 -22.59
CA LEU A 337 -16.76 1.63 -23.84
C LEU A 337 -18.06 0.83 -23.61
N ASP A 338 -18.10 -0.03 -22.59
CA ASP A 338 -19.34 -0.72 -22.25
C ASP A 338 -20.44 0.28 -21.89
N LEU A 339 -20.07 1.38 -21.21
CA LEU A 339 -21.06 2.39 -20.85
C LEU A 339 -21.52 3.15 -22.09
N VAL A 340 -20.57 3.52 -22.95
CA VAL A 340 -20.92 4.14 -24.23
C VAL A 340 -21.95 3.28 -24.97
N ALA A 341 -21.70 1.98 -25.06
CA ALA A 341 -22.62 1.08 -25.76
C ALA A 341 -23.96 1.03 -25.05
N TYR A 342 -23.93 0.97 -23.72
CA TYR A 342 -25.16 0.87 -22.94
C TYR A 342 -26.03 2.10 -23.12
N ILE A 343 -25.45 3.28 -23.00
CA ILE A 343 -26.25 4.50 -23.09
C ILE A 343 -26.75 4.71 -24.53
N SER A 344 -26.03 4.17 -25.51
CA SER A 344 -26.47 4.25 -26.90
C SER A 344 -27.69 3.35 -27.22
N ALA A 345 -27.94 2.36 -26.37
CA ALA A 345 -29.01 1.39 -26.60
C ALA A 345 -30.17 1.52 -25.63
N HIS A 346 -30.10 2.50 -24.72
CA HIS A 346 -31.08 2.63 -23.64
C HIS A 346 -31.42 4.09 -23.38
N THR B 16 28.96 -0.16 31.94
CA THR B 16 28.59 -0.24 30.49
C THR B 16 28.25 -1.67 30.12
N ILE B 17 27.13 -1.86 29.44
CA ILE B 17 26.70 -3.20 29.07
C ILE B 17 27.44 -3.61 27.80
N LYS B 18 28.27 -4.65 27.88
CA LYS B 18 29.00 -5.12 26.68
C LYS B 18 28.16 -6.13 25.93
N ILE B 19 27.98 -5.90 24.64
CA ILE B 19 27.12 -6.77 23.84
C ILE B 19 27.80 -7.30 22.59
N GLY B 20 27.26 -8.42 22.10
CA GLY B 20 27.64 -8.96 20.79
C GLY B 20 26.49 -8.83 19.84
N ILE B 21 26.79 -8.73 18.55
CA ILE B 21 25.77 -8.79 17.50
C ILE B 21 26.05 -10.02 16.65
N ASN B 22 25.04 -10.85 16.49
CA ASN B 22 25.15 -11.99 15.60
C ASN B 22 24.25 -11.71 14.40
N GLY B 23 24.86 -11.52 13.22
CA GLY B 23 24.12 -11.05 12.06
C GLY B 23 24.22 -9.53 11.85
N PHE B 24 25.20 -9.11 11.05
CA PHE B 24 25.50 -7.70 10.83
C PHE B 24 24.78 -7.22 9.56
N GLY B 25 23.45 -7.36 9.58
CA GLY B 25 22.59 -7.05 8.45
C GLY B 25 21.96 -5.68 8.54
N ARG B 26 20.76 -5.51 7.98
CA ARG B 26 20.11 -4.21 8.09
C ARG B 26 19.92 -3.84 9.55
N ILE B 27 19.38 -4.79 10.33
CA ILE B 27 19.10 -4.53 11.74
C ILE B 27 20.39 -4.54 12.55
N GLY B 28 21.24 -5.53 12.31
CA GLY B 28 22.57 -5.58 12.96
C GLY B 28 23.35 -4.29 12.82
N ARG B 29 23.46 -3.77 11.59
CA ARG B 29 24.19 -2.54 11.36
C ARG B 29 23.48 -1.33 11.90
N MET B 30 22.13 -1.31 11.88
CA MET B 30 21.42 -0.14 12.40
C MET B 30 21.38 -0.15 13.92
N VAL B 31 21.43 -1.35 14.50
CA VAL B 31 21.63 -1.51 15.94
C VAL B 31 23.03 -1.02 16.30
N PHE B 32 24.02 -1.39 15.50
CA PHE B 32 25.37 -0.85 15.67
C PHE B 32 25.36 0.67 15.65
N ARG B 33 24.69 1.26 14.66
CA ARG B 33 24.62 2.72 14.55
C ARG B 33 23.93 3.33 15.75
N ALA B 34 22.82 2.72 16.17
CA ALA B 34 22.05 3.21 17.32
C ALA B 34 22.87 3.20 18.58
N ALA B 35 23.83 2.28 18.68
CA ALA B 35 24.65 2.19 19.88
C ALA B 35 25.68 3.28 19.98
N GLN B 36 25.99 3.94 18.87
CA GLN B 36 27.15 4.83 18.87
C GLN B 36 26.89 6.17 19.52
N HIS B 37 25.64 6.45 19.86
CA HIS B 37 25.35 7.64 20.65
C HIS B 37 24.76 7.32 22.02
N ARG B 38 24.85 6.06 22.44
CA ARG B 38 24.49 5.65 23.80
C ARG B 38 25.71 5.47 24.67
N ASN B 39 25.64 5.94 25.91
CA ASN B 39 26.74 5.78 26.87
CA ASN B 39 26.72 5.81 26.89
C ASN B 39 26.72 4.47 27.64
N ASP B 40 25.59 3.77 27.57
CA ASP B 40 25.36 2.60 28.44
C ASP B 40 25.59 1.25 27.75
N ILE B 41 25.89 1.26 26.46
CA ILE B 41 26.05 0.04 25.69
C ILE B 41 27.26 0.15 24.76
N GLU B 42 28.03 -0.92 24.69
CA GLU B 42 29.25 -1.00 23.89
C GLU B 42 29.23 -2.33 23.15
N ILE B 43 29.44 -2.30 21.84
CA ILE B 43 29.53 -3.50 21.03
C ILE B 43 30.97 -4.00 21.11
N VAL B 44 31.17 -5.24 21.54
CA VAL B 44 32.54 -5.78 21.69
C VAL B 44 32.85 -6.91 20.71
N GLY B 45 31.85 -7.37 19.99
CA GLY B 45 32.06 -8.38 18.97
C GLY B 45 30.89 -8.50 18.02
N ILE B 46 31.21 -8.82 16.77
CA ILE B 46 30.24 -8.96 15.71
C ILE B 46 30.58 -10.25 14.97
N ASN B 47 29.55 -11.04 14.70
CA ASN B 47 29.67 -12.27 13.95
C ASN B 47 28.76 -12.17 12.72
N ASP B 48 29.27 -12.61 11.57
CA ASP B 48 28.49 -12.68 10.32
C ASP B 48 29.23 -13.70 9.46
N LEU B 49 29.18 -13.58 8.14
CA LEU B 49 29.86 -14.53 7.26
C LEU B 49 30.80 -13.75 6.34
N LEU B 50 31.52 -12.81 6.94
CA LEU B 50 32.23 -11.78 6.20
C LEU B 50 33.65 -11.62 6.74
N ASP B 51 34.57 -11.29 5.83
CA ASP B 51 35.89 -10.82 6.24
C ASP B 51 35.75 -9.45 6.89
N ALA B 52 36.69 -9.11 7.78
CA ALA B 52 36.71 -7.84 8.50
C ALA B 52 36.69 -6.62 7.57
N ASP B 53 37.47 -6.67 6.49
CA ASP B 53 37.52 -5.54 5.54
C ASP B 53 36.16 -5.30 4.87
N TYR B 54 35.45 -6.37 4.58
CA TYR B 54 34.13 -6.28 3.96
C TYR B 54 33.12 -5.78 4.99
N MET B 55 33.21 -6.27 6.22
CA MET B 55 32.35 -5.74 7.28
CA MET B 55 32.36 -5.74 7.28
C MET B 55 32.52 -4.22 7.46
N ALA B 56 33.76 -3.76 7.39
CA ALA B 56 34.04 -2.34 7.49
C ALA B 56 33.37 -1.59 6.35
N TYR B 57 33.44 -2.14 5.14
CA TYR B 57 32.79 -1.49 3.98
C TYR B 57 31.27 -1.41 4.16
N MET B 58 30.67 -2.50 4.64
CA MET B 58 29.22 -2.53 4.82
C MET B 58 28.76 -1.51 5.88
N LEU B 59 29.59 -1.27 6.90
CA LEU B 59 29.31 -0.26 7.92
C LEU B 59 29.50 1.16 7.38
N LYS B 60 30.59 1.36 6.63
CA LYS B 60 30.99 2.71 6.15
C LYS B 60 29.95 3.34 5.22
N TYR B 61 29.39 2.55 4.31
CA TYR B 61 28.48 3.03 3.27
C TYR B 61 27.12 2.39 3.40
N ASP B 62 26.07 3.21 3.28
CA ASP B 62 24.69 2.73 3.40
C ASP B 62 23.79 3.45 2.38
N SER B 63 23.11 2.67 1.54
CA SER B 63 22.26 3.25 0.50
C SER B 63 21.10 4.03 1.09
N THR B 64 20.60 3.57 2.24
CA THR B 64 19.40 4.15 2.85
C THR B 64 19.71 5.27 3.83
N HIS B 65 20.75 5.09 4.62
CA HIS B 65 21.03 5.97 5.75
C HIS B 65 22.31 6.77 5.63
N GLY B 66 22.96 6.69 4.48
CA GLY B 66 24.14 7.50 4.22
C GLY B 66 25.41 6.97 4.86
N ARG B 67 26.49 7.74 4.68
CA ARG B 67 27.79 7.30 5.15
C ARG B 67 27.83 7.31 6.69
N TYR B 68 28.51 6.33 7.27
CA TYR B 68 28.67 6.25 8.72
C TYR B 68 29.47 7.46 9.20
N GLY B 69 29.02 8.04 10.31
N GLY B 69 29.01 8.10 10.27
CA GLY B 69 29.57 9.28 10.84
CA GLY B 69 29.63 9.32 10.77
C GLY B 69 30.56 9.08 11.98
C GLY B 69 30.94 9.16 11.54
N GLY B 70 31.23 7.93 11.99
CA GLY B 70 32.40 7.69 12.82
C GLY B 70 33.60 7.23 11.98
N MET B 71 34.76 7.06 12.63
CA MET B 71 35.97 6.56 11.97
C MET B 71 35.93 5.03 11.98
N VAL B 72 36.20 4.41 10.84
CA VAL B 72 36.22 2.95 10.75
C VAL B 72 37.49 2.49 10.04
N GLU B 73 38.25 1.62 10.72
CA GLU B 73 39.44 1.00 10.14
C GLU B 73 39.54 -0.46 10.56
N VAL B 74 40.38 -1.20 9.86
CA VAL B 74 40.64 -2.60 10.14
C VAL B 74 42.09 -2.68 10.58
N ARG B 75 42.31 -3.27 11.76
CA ARG B 75 43.66 -3.45 12.32
C ARG B 75 43.77 -4.88 12.82
N GLU B 76 44.68 -5.65 12.24
CA GLU B 76 44.93 -7.03 12.65
C GLU B 76 43.67 -7.89 12.70
N GLY B 77 42.82 -7.77 11.68
CA GLY B 77 41.62 -8.59 11.57
C GLY B 77 40.48 -8.20 12.51
N ALA B 78 40.62 -7.07 13.21
CA ALA B 78 39.51 -6.57 14.03
C ALA B 78 39.05 -5.26 13.45
N LEU B 79 37.80 -4.90 13.75
CA LEU B 79 37.31 -3.57 13.45
C LEU B 79 37.74 -2.63 14.55
N VAL B 80 38.22 -1.47 14.15
CA VAL B 80 38.49 -0.41 15.07
C VAL B 80 37.50 0.68 14.69
N VAL B 81 36.58 0.97 15.58
CA VAL B 81 35.58 1.98 15.33
C VAL B 81 35.69 3.01 16.43
N ASN B 82 35.98 4.25 16.04
CA ASN B 82 36.18 5.33 16.99
C ASN B 82 37.13 4.92 18.14
N GLY B 83 38.19 4.22 17.78
CA GLY B 83 39.24 3.84 18.73
C GLY B 83 39.08 2.48 19.39
N LYS B 84 37.85 1.98 19.51
CA LYS B 84 37.59 0.73 20.22
C LYS B 84 37.71 -0.48 19.29
N LYS B 85 38.43 -1.50 19.76
CA LYS B 85 38.62 -2.74 19.03
C LYS B 85 37.36 -3.61 19.16
N ILE B 86 36.90 -4.14 18.04
CA ILE B 86 35.70 -4.97 18.01
C ILE B 86 36.09 -6.29 17.35
N ARG B 87 35.91 -7.39 18.08
CA ARG B 87 36.24 -8.69 17.56
C ARG B 87 35.32 -9.08 16.39
N VAL B 88 35.91 -9.53 15.30
CA VAL B 88 35.16 -9.99 14.14
C VAL B 88 35.35 -11.48 13.99
N THR B 89 34.23 -12.21 13.95
CA THR B 89 34.25 -13.66 13.73
C THR B 89 33.29 -13.99 12.58
N SER B 90 33.47 -15.18 12.01
CA SER B 90 32.60 -15.66 10.96
C SER B 90 32.26 -17.12 11.24
N GLU B 91 31.66 -17.36 12.41
CA GLU B 91 31.14 -18.67 12.80
C GLU B 91 29.67 -18.83 12.38
N ARG B 92 29.41 -19.71 11.44
CA ARG B 92 28.05 -20.04 11.00
C ARG B 92 27.20 -20.63 12.15
N ASP B 93 27.85 -21.38 13.03
CA ASP B 93 27.23 -21.96 14.21
C ASP B 93 27.55 -21.09 15.45
N PRO B 94 26.53 -20.42 16.04
CA PRO B 94 26.81 -19.48 17.13
C PRO B 94 27.32 -20.14 18.42
N ALA B 95 27.20 -21.47 18.52
CA ALA B 95 27.70 -22.16 19.70
C ALA B 95 29.21 -22.08 19.86
N ASN B 96 29.89 -21.70 18.78
CA ASN B 96 31.35 -21.60 18.75
C ASN B 96 31.90 -20.20 19.12
N LEU B 97 31.04 -19.32 19.64
CA LEU B 97 31.37 -17.88 19.61
C LEU B 97 32.24 -17.32 20.76
N LYS B 98 32.42 -18.07 21.84
CA LYS B 98 33.29 -17.63 22.95
C LYS B 98 32.99 -16.19 23.37
N TRP B 99 31.72 -15.90 23.58
CA TRP B 99 31.31 -14.55 23.96
C TRP B 99 31.90 -14.08 25.29
N ASN B 100 32.13 -15.00 26.24
CA ASN B 100 32.69 -14.60 27.54
C ASN B 100 34.13 -14.08 27.43
N GLU B 101 34.83 -14.47 26.37
CA GLU B 101 36.20 -14.02 26.14
C GLU B 101 36.31 -12.53 25.83
N VAL B 102 35.27 -11.96 25.23
CA VAL B 102 35.23 -10.51 24.94
C VAL B 102 34.31 -9.80 25.92
N GLY B 103 33.78 -10.55 26.88
CA GLY B 103 32.96 -9.98 27.92
C GLY B 103 31.56 -9.61 27.47
N ALA B 104 31.10 -10.19 26.37
CA ALA B 104 29.74 -9.92 25.88
C ALA B 104 28.74 -10.61 26.78
N VAL B 105 27.91 -9.83 27.47
CA VAL B 105 26.90 -10.36 28.40
C VAL B 105 25.52 -10.52 27.77
N VAL B 106 25.17 -9.64 26.81
CA VAL B 106 23.94 -9.79 26.03
C VAL B 106 24.31 -9.88 24.57
N VAL B 107 23.66 -10.80 23.86
CA VAL B 107 23.81 -10.92 22.42
C VAL B 107 22.52 -10.52 21.73
N VAL B 108 22.65 -9.67 20.71
CA VAL B 108 21.55 -9.32 19.83
C VAL B 108 21.61 -10.33 18.69
N GLU B 109 20.54 -11.14 18.58
CA GLU B 109 20.48 -12.22 17.61
C GLU B 109 19.65 -11.70 16.42
N SER B 110 20.36 -11.23 15.39
CA SER B 110 19.75 -10.52 14.24
C SER B 110 20.06 -11.16 12.87
N THR B 111 20.27 -12.48 12.86
CA THR B 111 20.49 -13.22 11.62
C THR B 111 19.18 -13.51 10.90
N GLY B 112 18.09 -13.56 11.66
CA GLY B 112 16.81 -14.05 11.18
C GLY B 112 16.64 -15.55 11.25
N LEU B 113 17.69 -16.26 11.67
CA LEU B 113 17.73 -17.72 11.57
C LEU B 113 17.52 -18.44 12.88
N PHE B 114 17.66 -17.71 13.99
CA PHE B 114 17.72 -18.37 15.29
C PHE B 114 16.62 -17.83 16.21
N LEU B 115 15.37 -18.18 15.88
CA LEU B 115 14.21 -17.60 16.54
C LEU B 115 13.44 -18.63 17.38
N THR B 116 14.17 -19.62 17.89
CA THR B 116 13.62 -20.56 18.88
C THR B 116 14.53 -20.58 20.09
N ASP B 117 14.02 -21.09 21.21
CA ASP B 117 14.84 -21.19 22.40
C ASP B 117 16.11 -21.99 22.08
N GLU B 118 15.97 -23.11 21.40
CA GLU B 118 17.12 -24.02 21.25
C GLU B 118 18.23 -23.37 20.45
N THR B 119 17.88 -22.66 19.39
CA THR B 119 18.88 -22.05 18.53
C THR B 119 19.49 -20.81 19.20
N ALA B 120 18.68 -19.95 19.78
CA ALA B 120 19.18 -18.74 20.45
C ALA B 120 20.03 -19.07 21.69
N ARG B 121 19.73 -20.19 22.35
CA ARG B 121 20.43 -20.58 23.57
C ARG B 121 21.88 -21.00 23.29
N LYS B 122 22.21 -21.22 22.01
CA LYS B 122 23.61 -21.46 21.62
C LYS B 122 24.54 -20.33 22.09
N HIS B 123 24.02 -19.10 22.14
CA HIS B 123 24.82 -17.98 22.62
C HIS B 123 25.15 -18.10 24.12
N ILE B 124 24.24 -18.70 24.87
CA ILE B 124 24.50 -18.93 26.31
CA ILE B 124 24.47 -18.97 26.31
C ILE B 124 25.47 -20.12 26.48
N GLN B 125 25.33 -21.13 25.63
CA GLN B 125 26.31 -22.20 25.57
C GLN B 125 27.69 -21.60 25.28
N ALA B 126 27.74 -20.55 24.46
CA ALA B 126 28.98 -19.88 24.07
C ALA B 126 29.43 -18.78 25.05
N GLY B 127 28.76 -18.64 26.21
CA GLY B 127 29.29 -17.76 27.25
C GLY B 127 28.56 -16.47 27.56
N ALA B 128 27.54 -16.14 26.75
CA ALA B 128 26.69 -14.98 27.05
C ALA B 128 25.73 -15.25 28.19
N LYS B 129 25.15 -14.19 28.75
CA LYS B 129 24.18 -14.31 29.85
C LYS B 129 22.73 -14.22 29.37
N LYS B 130 22.47 -13.35 28.38
CA LYS B 130 21.12 -13.15 27.85
C LYS B 130 21.17 -12.93 26.33
N VAL B 131 20.03 -13.19 25.68
CA VAL B 131 19.86 -13.01 24.25
C VAL B 131 18.56 -12.27 23.92
N VAL B 132 18.66 -11.30 23.01
CA VAL B 132 17.48 -10.64 22.42
C VAL B 132 17.35 -11.01 20.94
N MET B 133 16.29 -11.75 20.58
CA MET B 133 15.99 -12.05 19.19
C MET B 133 15.41 -10.80 18.55
N THR B 134 15.83 -10.50 17.33
CA THR B 134 15.30 -9.34 16.61
C THR B 134 14.18 -9.72 15.66
N GLY B 135 13.37 -10.69 16.04
CA GLY B 135 12.19 -11.01 15.29
C GLY B 135 11.25 -11.75 16.21
N PRO B 136 10.00 -11.90 15.79
CA PRO B 136 9.10 -12.70 16.59
C PRO B 136 9.59 -14.15 16.65
N PRO B 137 9.39 -14.81 17.78
CA PRO B 137 9.86 -16.18 17.90
C PRO B 137 8.94 -17.17 17.17
N LYS B 138 9.51 -18.32 16.82
CA LYS B 138 8.74 -19.44 16.28
C LYS B 138 8.20 -20.36 17.36
N ASP B 139 8.52 -20.07 18.62
CA ASP B 139 8.04 -20.83 19.79
C ASP B 139 7.47 -19.86 20.85
N ASP B 140 7.43 -20.27 22.12
CA ASP B 140 6.79 -19.45 23.17
C ASP B 140 7.80 -18.56 23.93
N THR B 141 8.95 -18.29 23.32
CA THR B 141 9.86 -17.26 23.84
C THR B 141 9.04 -15.97 24.01
N PRO B 142 9.17 -15.30 25.18
CA PRO B 142 8.36 -14.11 25.39
C PRO B 142 8.80 -12.92 24.56
N MET B 143 7.81 -12.21 24.01
CA MET B 143 8.00 -10.99 23.25
C MET B 143 7.73 -9.80 24.14
N PHE B 144 8.55 -8.77 23.97
CA PHE B 144 8.37 -7.49 24.63
C PHE B 144 8.41 -6.34 23.63
N VAL B 145 7.56 -5.35 23.91
CA VAL B 145 7.52 -4.10 23.17
C VAL B 145 7.69 -2.97 24.16
N MET B 146 8.74 -2.18 23.96
CA MET B 146 9.03 -1.05 24.81
C MET B 146 7.85 -0.09 24.88
N GLY B 147 7.50 0.28 26.11
CA GLY B 147 6.38 1.17 26.41
C GLY B 147 5.04 0.48 26.51
N VAL B 148 4.98 -0.80 26.17
CA VAL B 148 3.72 -1.54 26.19
C VAL B 148 3.77 -2.62 27.27
N ASN B 149 4.68 -3.59 27.15
CA ASN B 149 4.74 -4.66 28.15
C ASN B 149 6.12 -5.02 28.67
N ASN B 150 7.12 -4.19 28.42
CA ASN B 150 8.47 -4.53 28.85
C ASN B 150 8.57 -4.66 30.37
N THR B 151 7.72 -3.95 31.12
CA THR B 151 7.74 -4.04 32.58
C THR B 151 7.25 -5.39 33.08
N MET B 152 6.70 -6.22 32.19
CA MET B 152 6.27 -7.58 32.56
C MET B 152 7.43 -8.56 32.54
N TYR B 153 8.63 -8.09 32.20
CA TYR B 153 9.82 -8.92 32.13
C TYR B 153 10.06 -9.57 33.49
N LYS B 154 10.42 -10.85 33.48
CA LYS B 154 10.62 -11.63 34.70
C LYS B 154 12.00 -12.30 34.79
N GLY B 155 13.02 -11.65 34.22
CA GLY B 155 14.40 -12.14 34.33
C GLY B 155 14.82 -13.24 33.36
N GLN B 156 13.97 -13.52 32.37
CA GLN B 156 14.24 -14.56 31.37
C GLN B 156 15.56 -14.32 30.62
N GLU B 157 16.28 -15.41 30.34
CA GLU B 157 17.56 -15.31 29.65
C GLU B 157 17.39 -15.01 28.17
N ILE B 158 16.32 -15.52 27.57
CA ILE B 158 16.11 -15.36 26.14
C ILE B 158 14.75 -14.68 25.91
N VAL B 159 14.77 -13.59 25.15
CA VAL B 159 13.57 -12.83 24.85
C VAL B 159 13.59 -12.39 23.39
N SER B 160 12.45 -11.86 22.94
CA SER B 160 12.27 -11.31 21.61
C SER B 160 11.76 -9.89 21.70
N ASN B 161 12.24 -9.03 20.79
CA ASN B 161 11.72 -7.66 20.66
C ASN B 161 10.59 -7.56 19.64
N ALA B 162 9.97 -8.70 19.31
CA ALA B 162 8.82 -8.77 18.39
C ALA B 162 9.25 -8.31 16.99
N SER B 163 8.33 -7.78 16.20
CA SER B 163 8.62 -7.31 14.85
C SER B 163 8.53 -5.78 14.76
N CYS B 164 9.02 -5.24 13.66
CA CYS B 164 8.85 -3.81 13.42
C CYS B 164 7.37 -3.45 13.45
N THR B 165 6.55 -4.25 12.78
CA THR B 165 5.13 -3.95 12.65
C THR B 165 4.40 -3.97 14.01
N THR B 166 4.70 -4.96 14.83
CA THR B 166 4.14 -5.04 16.18
C THR B 166 4.57 -3.83 17.02
N ASN B 167 5.82 -3.40 16.87
CA ASN B 167 6.30 -2.21 17.56
C ASN B 167 5.60 -0.91 17.13
N CYS B 168 5.05 -0.89 15.91
CA CYS B 168 4.26 0.26 15.46
C CYS B 168 2.81 0.16 15.93
N LEU B 169 2.19 -1.00 15.73
CA LEU B 169 0.78 -1.17 16.09
C LEU B 169 0.51 -1.17 17.58
N ALA B 170 1.39 -1.78 18.37
CA ALA B 170 1.08 -1.99 19.80
C ALA B 170 0.97 -0.69 20.60
N PRO B 171 1.92 0.23 20.44
CA PRO B 171 1.77 1.51 21.17
C PRO B 171 0.50 2.26 20.79
N LEU B 172 0.15 2.25 19.50
CA LEU B 172 -1.11 2.85 19.04
C LEU B 172 -2.34 2.15 19.62
N ALA B 173 -2.39 0.83 19.50
CA ALA B 173 -3.52 0.06 20.04
C ALA B 173 -3.66 0.21 21.56
N LYS B 174 -2.53 0.33 22.26
CA LYS B 174 -2.56 0.54 23.72
C LYS B 174 -3.40 1.77 24.05
N ILE B 175 -3.09 2.88 23.38
CA ILE B 175 -3.76 4.14 23.68
C ILE B 175 -5.24 4.09 23.29
N ILE B 176 -5.54 3.56 22.11
CA ILE B 176 -6.89 3.57 21.63
C ILE B 176 -7.74 2.66 22.53
N HIS B 177 -7.19 1.50 22.88
CA HIS B 177 -7.95 0.56 23.72
C HIS B 177 -8.17 1.08 25.13
N GLU B 178 -7.13 1.66 25.73
CA GLU B 178 -7.25 2.25 27.05
C GLU B 178 -8.28 3.39 27.10
N LYS B 179 -8.29 4.24 26.09
CA LYS B 179 -9.16 5.43 26.12
C LYS B 179 -10.59 5.14 25.70
N PHE B 180 -10.75 4.37 24.63
CA PHE B 180 -12.06 4.19 24.02
C PHE B 180 -12.52 2.73 23.95
N GLY B 181 -11.58 1.79 24.07
CA GLY B 181 -11.85 0.37 23.91
C GLY B 181 -11.90 -0.07 22.45
N ILE B 182 -11.11 -1.09 22.11
CA ILE B 182 -11.20 -1.74 20.82
C ILE B 182 -12.04 -3.01 20.95
N VAL B 183 -13.22 -3.00 20.30
CA VAL B 183 -14.05 -4.20 20.19
C VAL B 183 -13.32 -5.22 19.30
N GLU B 184 -12.86 -4.72 18.15
CA GLU B 184 -12.23 -5.53 17.13
C GLU B 184 -11.51 -4.60 16.17
N GLY B 185 -10.40 -5.07 15.62
CA GLY B 185 -9.63 -4.31 14.66
C GLY B 185 -8.96 -5.18 13.61
N LEU B 186 -8.84 -4.62 12.40
CA LEU B 186 -8.14 -5.26 11.31
C LEU B 186 -7.06 -4.32 10.81
N MET B 187 -5.85 -4.83 10.64
CA MET B 187 -4.69 -4.03 10.26
C MET B 187 -4.18 -4.41 8.88
N THR B 188 -3.80 -3.42 8.11
CA THR B 188 -2.96 -3.62 6.92
C THR B 188 -1.67 -2.83 7.15
N THR B 189 -0.51 -3.43 6.86
CA THR B 189 0.72 -2.65 6.80
C THR B 189 1.20 -2.60 5.36
N VAL B 190 1.53 -1.39 4.91
CA VAL B 190 2.13 -1.17 3.60
C VAL B 190 3.61 -1.01 3.93
N HIS B 191 4.39 -2.02 3.53
CA HIS B 191 5.74 -2.21 4.06
C HIS B 191 6.80 -2.15 2.97
N ALA B 192 7.90 -1.48 3.29
CA ALA B 192 9.05 -1.40 2.40
C ALA B 192 9.61 -2.78 2.09
N THR B 193 10.29 -2.86 0.95
CA THR B 193 11.02 -4.03 0.56
C THR B 193 12.08 -4.38 1.62
N THR B 194 12.29 -5.69 1.85
CA THR B 194 13.35 -6.16 2.73
C THR B 194 14.25 -7.18 2.04
N ALA B 195 15.27 -7.60 2.78
CA ALA B 195 16.31 -8.50 2.29
C ALA B 195 15.80 -9.90 1.94
N THR B 196 14.67 -10.31 2.49
CA THR B 196 14.09 -11.60 2.11
C THR B 196 13.55 -11.65 0.68
N GLN B 197 13.31 -10.49 0.09
CA GLN B 197 12.73 -10.40 -1.24
C GLN B 197 13.77 -10.54 -2.37
N LYS B 198 13.29 -10.54 -3.61
CA LYS B 198 14.11 -10.82 -4.78
C LYS B 198 14.08 -9.63 -5.75
N THR B 199 15.18 -9.41 -6.44
CA THR B 199 15.25 -8.30 -7.41
C THR B 199 14.40 -8.53 -8.67
N VAL B 200 14.36 -9.77 -9.13
CA VAL B 200 13.57 -10.21 -10.27
C VAL B 200 12.95 -11.52 -9.85
N ASP B 201 11.89 -11.93 -10.54
CA ASP B 201 11.14 -13.14 -10.11
C ASP B 201 12.13 -14.28 -9.85
N GLY B 202 12.17 -14.78 -8.61
CA GLY B 202 13.08 -15.85 -8.24
C GLY B 202 12.47 -16.78 -7.22
N PRO B 203 13.23 -17.78 -6.79
CA PRO B 203 12.64 -18.84 -5.95
C PRO B 203 12.43 -18.46 -4.50
N SER B 204 11.22 -18.72 -4.01
CA SER B 204 10.82 -18.50 -2.63
C SER B 204 9.77 -19.56 -2.32
N GLN B 205 10.25 -20.78 -2.16
CA GLN B 205 9.41 -21.97 -2.08
C GLN B 205 8.39 -21.93 -0.92
N LYS B 206 8.74 -21.25 0.18
CA LYS B 206 7.82 -21.11 1.33
C LYS B 206 6.97 -19.84 1.33
N ASP B 207 7.09 -19.02 0.26
CA ASP B 207 6.40 -17.74 0.18
C ASP B 207 6.38 -17.31 -1.27
N TRP B 208 5.48 -17.91 -2.04
CA TRP B 208 5.54 -17.77 -3.49
C TRP B 208 5.44 -16.30 -3.92
N ARG B 209 4.52 -15.55 -3.33
CA ARG B 209 4.39 -14.14 -3.74
C ARG B 209 5.68 -13.36 -3.47
N GLY B 210 6.35 -13.70 -2.37
CA GLY B 210 7.58 -13.00 -1.96
C GLY B 210 8.80 -13.27 -2.84
N GLY B 211 8.70 -14.24 -3.74
CA GLY B 211 9.74 -14.45 -4.75
C GLY B 211 9.67 -13.48 -5.93
N ARG B 212 8.52 -12.83 -6.12
CA ARG B 212 8.29 -12.04 -7.32
C ARG B 212 9.06 -10.73 -7.21
N GLY B 213 9.47 -10.19 -8.36
CA GLY B 213 10.38 -9.04 -8.36
C GLY B 213 9.86 -7.91 -7.52
N ALA B 214 10.65 -7.49 -6.54
CA ALA B 214 10.19 -6.52 -5.53
C ALA B 214 9.93 -5.14 -6.12
N ALA B 215 10.77 -4.68 -7.03
CA ALA B 215 10.60 -3.31 -7.55
C ALA B 215 9.45 -3.17 -8.55
N GLN B 216 8.95 -4.28 -9.06
CA GLN B 216 7.90 -4.30 -10.07
C GLN B 216 6.50 -4.35 -9.52
N ASN B 217 6.36 -4.77 -8.26
CA ASN B 217 5.07 -5.29 -7.74
C ASN B 217 4.62 -4.73 -6.42
N ILE B 218 3.30 -4.65 -6.26
CA ILE B 218 2.65 -4.70 -4.95
C ILE B 218 2.46 -6.18 -4.63
N ILE B 219 2.95 -6.61 -3.47
CA ILE B 219 3.02 -8.05 -3.11
C ILE B 219 2.32 -8.30 -1.77
N PRO B 220 1.13 -8.90 -1.79
CA PRO B 220 0.50 -9.30 -0.52
C PRO B 220 1.38 -10.28 0.26
N SER B 221 1.29 -10.21 1.59
CA SER B 221 2.03 -11.10 2.46
C SER B 221 1.24 -11.33 3.73
N ALA B 222 1.32 -12.53 4.28
CA ALA B 222 0.75 -12.77 5.59
C ALA B 222 1.61 -12.11 6.63
N THR B 223 1.01 -11.74 7.75
CA THR B 223 1.79 -11.26 8.89
C THR B 223 1.08 -11.59 10.18
N GLY B 224 1.83 -12.08 11.15
CA GLY B 224 1.29 -12.35 12.49
C GLY B 224 1.34 -11.17 13.44
N ALA B 225 1.75 -10.00 12.94
CA ALA B 225 2.04 -8.86 13.79
C ALA B 225 0.86 -8.29 14.53
N ALA B 226 -0.32 -8.30 13.91
CA ALA B 226 -1.51 -7.76 14.54
C ALA B 226 -1.96 -8.71 15.63
N LYS B 227 -1.98 -10.01 15.34
CA LYS B 227 -2.33 -11.01 16.33
C LYS B 227 -1.35 -10.99 17.51
N ALA B 228 -0.07 -10.74 17.24
CA ALA B 228 0.96 -10.61 18.28
C ALA B 228 0.71 -9.49 19.27
N VAL B 229 0.00 -8.45 18.83
CA VAL B 229 -0.39 -7.37 19.75
C VAL B 229 -1.21 -7.94 20.93
N GLY B 230 -2.02 -8.96 20.68
CA GLY B 230 -2.77 -9.61 21.75
C GLY B 230 -1.95 -10.40 22.77
N LYS B 231 -0.71 -10.72 22.42
CA LYS B 231 0.24 -11.30 23.35
C LYS B 231 0.87 -10.23 24.23
N VAL B 232 1.19 -9.08 23.67
CA VAL B 232 1.79 -7.99 24.46
C VAL B 232 0.75 -7.12 25.16
N ILE B 233 -0.49 -7.10 24.66
CA ILE B 233 -1.64 -6.45 25.32
C ILE B 233 -2.73 -7.53 25.48
N PRO B 234 -2.66 -8.32 26.55
CA PRO B 234 -3.59 -9.44 26.70
C PRO B 234 -5.09 -9.10 26.55
N ALA B 235 -5.49 -7.90 26.90
CA ALA B 235 -6.89 -7.49 26.73
C ALA B 235 -7.35 -7.53 25.27
N LEU B 236 -6.39 -7.49 24.34
CA LEU B 236 -6.72 -7.51 22.92
C LEU B 236 -6.56 -8.88 22.30
N ASN B 237 -6.36 -9.90 23.13
CA ASN B 237 -6.25 -11.24 22.59
C ASN B 237 -7.50 -11.57 21.82
N GLY B 238 -7.34 -12.06 20.58
CA GLY B 238 -8.46 -12.47 19.74
C GLY B 238 -9.20 -11.31 19.06
N ARG B 239 -8.77 -10.08 19.32
CA ARG B 239 -9.48 -8.89 18.83
CA ARG B 239 -9.47 -8.89 18.83
C ARG B 239 -8.80 -8.18 17.65
N LEU B 240 -7.65 -8.69 17.23
CA LEU B 240 -6.90 -8.08 16.11
C LEU B 240 -6.29 -9.13 15.20
N THR B 241 -6.34 -8.88 13.90
CA THR B 241 -5.46 -9.55 12.96
C THR B 241 -5.26 -8.64 11.74
N GLY B 242 -4.57 -9.15 10.73
CA GLY B 242 -4.28 -8.30 9.57
C GLY B 242 -3.43 -8.99 8.53
N MET B 243 -2.92 -8.18 7.62
CA MET B 243 -2.08 -8.64 6.55
C MET B 243 -1.21 -7.47 6.07
N ALA B 244 -0.33 -7.77 5.14
CA ALA B 244 0.63 -6.79 4.59
C ALA B 244 0.60 -6.73 3.07
N PHE B 245 1.03 -5.57 2.57
CA PHE B 245 1.45 -5.40 1.18
C PHE B 245 2.87 -4.89 1.17
N ARG B 246 3.75 -5.61 0.48
CA ARG B 246 5.13 -5.16 0.27
CA ARG B 246 5.11 -5.16 0.27
C ARG B 246 5.19 -4.35 -1.03
N VAL B 247 5.83 -3.20 -0.97
CA VAL B 247 5.86 -2.26 -2.12
C VAL B 247 7.29 -1.81 -2.40
N PRO B 248 7.54 -1.19 -3.57
CA PRO B 248 8.89 -0.88 -4.01
C PRO B 248 9.49 0.39 -3.42
N THR B 249 9.66 0.41 -2.12
CA THR B 249 10.48 1.42 -1.45
C THR B 249 11.52 0.69 -0.59
N PRO B 250 12.64 1.36 -0.29
CA PRO B 250 13.76 0.64 0.37
C PRO B 250 13.69 0.62 1.90
N ASN B 251 12.85 1.48 2.46
CA ASN B 251 12.73 1.62 3.91
C ASN B 251 11.58 2.55 4.22
N VAL B 252 11.03 2.36 5.43
CA VAL B 252 9.86 3.06 6.02
C VAL B 252 8.57 2.37 5.59
N SER B 253 7.73 2.10 6.59
CA SER B 253 6.48 1.37 6.41
C SER B 253 5.37 2.10 7.16
N VAL B 254 4.14 1.62 6.98
CA VAL B 254 2.99 2.31 7.58
C VAL B 254 1.91 1.29 7.96
N VAL B 255 1.33 1.48 9.14
CA VAL B 255 0.20 0.72 9.63
C VAL B 255 -1.10 1.46 9.36
N ASP B 256 -2.11 0.71 8.95
CA ASP B 256 -3.45 1.18 8.68
C ASP B 256 -4.37 0.29 9.55
N LEU B 257 -4.85 0.83 10.68
CA LEU B 257 -5.66 0.09 11.62
C LEU B 257 -7.10 0.53 11.50
N THR B 258 -7.96 -0.40 11.17
CA THR B 258 -9.39 -0.14 11.10
C THR B 258 -10.02 -0.75 12.34
N ALA B 259 -10.58 0.10 13.20
CA ALA B 259 -11.04 -0.31 14.52
C ALA B 259 -12.50 0.05 14.77
N ARG B 260 -13.18 -0.91 15.39
CA ARG B 260 -14.50 -0.69 15.94
C ARG B 260 -14.34 -0.44 17.44
N LEU B 261 -14.86 0.70 17.92
CA LEU B 261 -14.64 1.17 19.29
C LEU B 261 -15.79 0.85 20.24
N GLU B 262 -15.45 0.66 21.50
CA GLU B 262 -16.44 0.32 22.52
C GLU B 262 -17.26 1.56 22.85
N ARG B 263 -16.57 2.69 22.96
CA ARG B 263 -17.16 3.96 23.36
C ARG B 263 -16.90 5.00 22.29
N PRO B 264 -17.85 5.92 22.09
CA PRO B 264 -17.73 6.87 21.01
C PRO B 264 -16.59 7.86 21.19
N ALA B 265 -15.99 8.26 20.07
CA ALA B 265 -14.93 9.23 20.06
C ALA B 265 -14.90 9.86 18.68
N THR B 266 -14.92 11.19 18.64
CA THR B 266 -14.70 11.90 17.39
C THR B 266 -13.23 11.76 16.99
N TYR B 267 -12.95 12.02 15.73
CA TYR B 267 -11.59 11.95 15.23
C TYR B 267 -10.69 12.92 16.01
N GLU B 268 -11.18 14.11 16.34
CA GLU B 268 -10.33 15.05 17.09
CA GLU B 268 -10.43 15.08 17.10
C GLU B 268 -10.05 14.55 18.51
N GLN B 269 -11.02 13.91 19.17
CA GLN B 269 -10.77 13.35 20.50
C GLN B 269 -9.71 12.24 20.44
N ILE B 270 -9.76 11.44 19.38
CA ILE B 270 -8.77 10.38 19.20
C ILE B 270 -7.39 11.01 19.02
N CYS B 271 -7.30 12.02 18.17
CA CYS B 271 -6.02 12.68 17.93
C CYS B 271 -5.45 13.31 19.19
N ALA B 272 -6.32 13.93 19.99
CA ALA B 272 -5.91 14.50 21.30
C ALA B 272 -5.39 13.46 22.30
N ALA B 273 -6.01 12.29 22.34
CA ALA B 273 -5.50 11.19 23.18
C ALA B 273 -4.11 10.72 22.73
N ILE B 274 -3.91 10.59 21.43
CA ILE B 274 -2.61 10.15 20.91
CA ILE B 274 -2.60 10.17 20.90
C ILE B 274 -1.54 11.23 21.20
N LYS B 275 -1.89 12.48 20.96
CA LYS B 275 -0.97 13.57 21.22
C LYS B 275 -0.54 13.59 22.67
N ALA B 276 -1.51 13.42 23.58
CA ALA B 276 -1.23 13.37 25.00
C ALA B 276 -0.28 12.23 25.35
N ALA B 277 -0.55 11.05 24.81
CA ALA B 277 0.31 9.91 25.07
C ALA B 277 1.73 10.14 24.56
N SER B 278 1.86 10.78 23.38
CA SER B 278 3.18 11.04 22.77
C SER B 278 4.01 12.01 23.58
N GLU B 279 3.33 12.86 24.35
CA GLU B 279 3.99 13.84 25.20
C GLU B 279 4.27 13.30 26.60
N GLY B 280 3.60 12.22 26.98
CA GLY B 280 3.72 11.67 28.33
C GLY B 280 4.31 10.29 28.34
N GLU B 281 3.47 9.32 28.67
CA GLU B 281 3.90 7.94 28.94
C GLU B 281 4.70 7.30 27.80
N LEU B 282 4.30 7.59 26.58
CA LEU B 282 4.96 6.98 25.41
C LEU B 282 5.92 7.95 24.70
N LYS B 283 6.37 8.97 25.40
CA LYS B 283 7.33 9.92 24.82
C LYS B 283 8.58 9.16 24.36
N GLY B 284 8.99 9.40 23.12
CA GLY B 284 10.15 8.73 22.55
C GLY B 284 9.82 7.42 21.87
N ILE B 285 8.57 6.98 21.99
CA ILE B 285 8.13 5.68 21.47
C ILE B 285 7.09 5.93 20.39
N LEU B 286 5.99 6.56 20.81
CA LEU B 286 4.88 6.95 19.95
C LEU B 286 5.02 8.43 19.70
N GLY B 287 5.00 8.82 18.43
CA GLY B 287 5.03 10.23 18.04
C GLY B 287 3.77 10.64 17.30
N TYR B 288 3.75 11.88 16.85
CA TYR B 288 2.55 12.54 16.38
C TYR B 288 2.97 13.61 15.37
N THR B 289 2.30 13.64 14.23
CA THR B 289 2.45 14.72 13.26
C THR B 289 1.12 15.15 12.68
N GLU B 290 1.00 16.45 12.39
CA GLU B 290 -0.11 17.02 11.66
C GLU B 290 0.33 17.56 10.30
N ASP B 291 1.59 17.28 9.92
CA ASP B 291 2.11 17.78 8.64
C ASP B 291 1.77 16.82 7.49
N GLU B 292 1.93 17.33 6.27
CA GLU B 292 1.60 16.59 5.06
C GLU B 292 2.77 15.69 4.65
N VAL B 293 3.06 14.70 5.48
CA VAL B 293 4.26 13.89 5.34
C VAL B 293 4.10 12.72 4.35
N VAL B 294 5.25 12.25 3.86
CA VAL B 294 5.33 11.04 3.05
C VAL B 294 6.42 10.14 3.66
N SER B 295 6.57 8.93 3.15
CA SER B 295 7.40 7.94 3.82
C SER B 295 8.84 8.40 4.04
N THR B 296 9.45 9.04 3.04
CA THR B 296 10.84 9.46 3.23
C THR B 296 11.03 10.42 4.38
N ASP B 297 10.00 11.14 4.78
CA ASP B 297 10.10 12.07 5.90
C ASP B 297 10.35 11.35 7.25
N MET B 298 10.07 10.05 7.28
CA MET B 298 10.30 9.25 8.47
C MET B 298 11.59 8.45 8.43
N ASN B 299 12.34 8.57 7.35
CA ASN B 299 13.58 7.81 7.22
C ASN B 299 14.59 8.36 8.22
N GLY B 300 15.03 7.51 9.12
CA GLY B 300 15.93 7.91 10.22
C GLY B 300 15.27 8.23 11.55
N VAL B 301 13.94 8.18 11.60
CA VAL B 301 13.19 8.47 12.85
C VAL B 301 13.23 7.26 13.79
N ALA B 302 13.60 7.51 15.05
CA ALA B 302 13.85 6.41 16.01
C ALA B 302 12.62 6.03 16.82
N LEU B 303 11.53 6.79 16.67
CA LEU B 303 10.23 6.38 17.20
C LEU B 303 9.80 5.06 16.59
N THR B 304 9.00 4.27 17.30
CA THR B 304 8.50 3.04 16.72
C THR B 304 7.10 3.19 16.12
N SER B 305 6.43 4.31 16.37
CA SER B 305 5.09 4.54 15.84
C SER B 305 4.92 6.05 15.71
N VAL B 306 4.58 6.54 14.51
CA VAL B 306 4.36 7.97 14.30
C VAL B 306 2.98 8.20 13.73
N PHE B 307 2.06 8.67 14.57
CA PHE B 307 0.66 8.85 14.18
C PHE B 307 0.51 10.01 13.22
N ASP B 308 -0.21 9.76 12.13
CA ASP B 308 -0.41 10.71 11.04
C ASP B 308 -1.84 11.26 11.12
N VAL B 309 -1.97 12.47 11.68
CA VAL B 309 -3.29 13.06 11.89
C VAL B 309 -4.11 13.22 10.61
N LYS B 310 -3.51 13.82 9.59
CA LYS B 310 -4.27 14.17 8.39
C LYS B 310 -4.54 12.98 7.46
N ALA B 311 -3.86 11.85 7.67
CA ALA B 311 -4.02 10.70 6.78
C ALA B 311 -5.22 9.81 7.08
N GLY B 312 -5.58 9.70 8.35
CA GLY B 312 -6.65 8.79 8.77
C GLY B 312 -8.04 9.39 8.61
N ILE B 313 -9.06 8.61 8.95
CA ILE B 313 -10.44 9.05 8.71
C ILE B 313 -11.42 8.26 9.57
N SER B 314 -12.44 8.94 10.10
CA SER B 314 -13.55 8.29 10.83
C SER B 314 -14.76 8.16 9.91
N LEU B 315 -15.41 7.01 9.92
CA LEU B 315 -16.71 6.90 9.33
C LEU B 315 -17.75 7.48 10.28
N ASN B 316 -17.62 7.11 11.56
CA ASN B 316 -18.54 7.56 12.60
C ASN B 316 -17.82 7.47 13.93
N ASP B 317 -18.53 7.77 15.02
CA ASP B 317 -17.89 7.91 16.32
C ASP B 317 -17.38 6.58 16.89
N ARG B 318 -17.70 5.46 16.26
CA ARG B 318 -17.20 4.17 16.71
C ARG B 318 -16.51 3.33 15.65
N PHE B 319 -16.14 3.92 14.51
CA PHE B 319 -15.51 3.14 13.44
C PHE B 319 -14.55 4.06 12.71
N VAL B 320 -13.25 3.76 12.85
CA VAL B 320 -12.18 4.67 12.45
C VAL B 320 -11.02 3.92 11.79
N LYS B 321 -10.32 4.63 10.89
CA LYS B 321 -9.11 4.15 10.26
C LYS B 321 -7.95 5.06 10.71
N LEU B 322 -6.97 4.45 11.36
CA LEU B 322 -5.86 5.18 11.96
C LEU B 322 -4.56 4.81 11.28
N ILE B 323 -3.76 5.82 10.95
CA ILE B 323 -2.54 5.64 10.16
C ILE B 323 -1.33 6.00 11.01
N SER B 324 -0.35 5.09 11.05
CA SER B 324 0.88 5.35 11.78
C SER B 324 2.14 4.82 11.06
N TRP B 325 3.12 5.70 10.90
CA TRP B 325 4.37 5.38 10.24
C TRP B 325 5.38 4.68 11.16
N TYR B 326 6.29 3.94 10.54
CA TYR B 326 7.46 3.42 11.24
C TYR B 326 8.64 3.22 10.31
N ASP B 327 9.79 3.79 10.69
CA ASP B 327 11.03 3.41 10.05
C ASP B 327 11.38 2.03 10.59
N ASN B 328 11.14 1.03 9.75
CA ASN B 328 11.26 -0.38 10.17
C ASN B 328 12.71 -0.75 10.56
N GLU B 329 13.69 -0.07 9.96
CA GLU B 329 15.10 -0.29 10.32
C GLU B 329 15.49 0.44 11.62
N THR B 330 15.26 1.75 11.63
CA THR B 330 15.79 2.60 12.66
C THR B 330 15.05 2.49 13.99
N GLY B 331 13.74 2.67 13.98
CA GLY B 331 12.99 2.64 15.25
C GLY B 331 13.15 1.31 15.97
N TYR B 332 12.92 0.21 15.24
CA TYR B 332 13.06 -1.12 15.82
C TYR B 332 14.47 -1.31 16.43
N SER B 333 15.50 -0.88 15.71
CA SER B 333 16.88 -1.05 16.16
C SER B 333 17.17 -0.29 17.46
N HIS B 334 16.67 0.94 17.57
CA HIS B 334 16.84 1.70 18.80
C HIS B 334 16.13 0.99 19.96
N LYS B 335 14.93 0.48 19.70
CA LYS B 335 14.21 -0.23 20.76
C LYS B 335 14.83 -1.57 21.15
N VAL B 336 15.53 -2.25 20.24
CA VAL B 336 16.30 -3.45 20.60
C VAL B 336 17.29 -3.08 21.71
N LEU B 337 18.00 -1.96 21.55
CA LEU B 337 18.93 -1.53 22.56
C LEU B 337 18.24 -1.08 23.86
N ASP B 338 17.08 -0.45 23.75
CA ASP B 338 16.32 -0.09 24.94
C ASP B 338 15.95 -1.37 25.70
N LEU B 339 15.63 -2.45 24.98
CA LEU B 339 15.26 -3.71 25.62
C LEU B 339 16.47 -4.35 26.28
N VAL B 340 17.61 -4.33 25.58
CA VAL B 340 18.89 -4.79 26.17
C VAL B 340 19.15 -4.09 27.51
N ALA B 341 19.01 -2.76 27.53
CA ALA B 341 19.27 -1.99 28.75
C ALA B 341 18.25 -2.35 29.81
N TYR B 342 16.99 -2.49 29.41
CA TYR B 342 15.95 -2.82 30.35
C TYR B 342 16.19 -4.18 31.01
N ILE B 343 16.45 -5.22 30.21
CA ILE B 343 16.62 -6.55 30.81
C ILE B 343 17.92 -6.66 31.62
N SER B 344 18.90 -5.81 31.32
CA SER B 344 20.15 -5.79 32.09
C SER B 344 19.98 -5.17 33.47
N ALA B 345 19.05 -4.24 33.61
CA ALA B 345 18.82 -3.59 34.90
C ALA B 345 17.74 -4.28 35.76
N HIS B 346 17.13 -5.35 35.24
CA HIS B 346 15.98 -6.02 35.90
C HIS B 346 16.06 -7.55 35.87
#